data_2XEG
#
_entry.id   2XEG
#
_cell.length_a   101.707
_cell.length_b   130.039
_cell.length_c   159.026
_cell.angle_alpha   90.00
_cell.angle_beta   90.00
_cell.angle_gamma   90.00
#
_symmetry.space_group_name_H-M   'I 2 2 2'
#
loop_
_entity.id
_entity.type
_entity.pdbx_description
1 polymer 'GLUTAMATE CARBOXYPEPTIDASE 2'
2 branched 2-acetamido-2-deoxy-beta-D-glucopyranose-(1-4)-2-acetamido-2-deoxy-beta-D-glucopyranose
3 branched alpha-D-mannopyranose-(1-3)-beta-D-mannopyranose-(1-4)-2-acetamido-2-deoxy-beta-D-glucopyranose-(1-4)-2-acetamido-2-deoxy-beta-D-glucopyranose
4 non-polymer 'ZINC ION'
5 non-polymer 'CALCIUM ION'
6 non-polymer 'CHLORIDE ION'
7 non-polymer 2-acetamido-2-deoxy-beta-D-glucopyranose
8 non-polymer 'N-({(1S)-5-[4-(13-{[2,4-BIS(DIHYDROXYAMINO)PHENYL]AMINO}-2,5,8,11-TETRAOXATRIDEC-1-YL)-1H-1,2,3-TRIAZOL-1-YL]-1-CARBOXYPENTYL}CARBAMOYL)-L-GLUTAMIC ACID'
9 water water
#
_entity_poly.entity_id   1
_entity_poly.type   'polypeptide(L)'
_entity_poly.pdbx_seq_one_letter_code
;RSKSSNEATNITPKHNMKAFLDELKAENIKKFLYNFTQIPHLAGTEQNFQLAKQIQSQWKEFGLDSVELAHYDVLLSYPN
KTHPNYISIINEDGNEIFNTSLFEPPPPGYENVSDIVPPFSAFSPQGMPEGDLVYVNYARTEDFFKLERDMKINCSGKIV
IARYGKVFRGNKVKNAQLAGAKGVILYSDPADYFAPGVKSYPDGWNLPGGGVQRGNILNLNGAGDPLTPGYPANEYAYRR
GIAEAVGLPSIPVHPIGYYDAQKLLEKMGGSAPPDSSWRGSLKVPYNVGPGFTGNFSTQKVKMHIHSTNEVTRIYNVIGT
LRGAVEPDRYVILGGHRDSWVFGGIDPQSGAAVVHEIVRSFGTLKKEGWRPRRTILFASWDAEEFGLLGSTEWAEENSRL
LQERGVAYINADSSIEGNYTLRVDCTPLMYSLVHNLTKELKSPDEGFEGKSLYESWTKKSPSPEFSGMPRISKLGSGNDF
EVFFQRLGIASGRARYTKNWETNKFSGYPLYHSVYETYELVEKFYDPMFKYHLTVAQVRGGMVFELANSIVQPFDCRDYA
VVLRKYADKIYSISMKHPQEMKTYSVSFDSLFSAVKNFTEIASKFSERLQDFDKSNPIVLRMMNDQLMFLERAFIDPLGL
PDRPFYRHVIYAPSSHNKYAGESFPGIYDALFDIESKVDPSKAWGEVKRQIYVAAFTVQAAAETLSEVA
;
_entity_poly.pdbx_strand_id   A
#
loop_
_chem_comp.id
_chem_comp.type
_chem_comp.name
_chem_comp.formula
BMA D-saccharide, beta linking beta-D-mannopyranose 'C6 H12 O6'
CA non-polymer 'CALCIUM ION' 'Ca 2'
CI9 non-polymer 'N-({(1S)-5-[4-(13-{[2,4-BIS(DIHYDROXYAMINO)PHENYL]AMINO}-2,5,8,11-TETRAOXATRIDEC-1-YL)-1H-1,2,3-TRIAZOL-1-YL]-1-CARBOXYPENTYL}CARBAMOYL)-L-GLUTAMIC ACID' 'C29 H46 N8 O15'
CL non-polymer 'CHLORIDE ION' 'Cl -1'
MAN D-saccharide, alpha linking alpha-D-mannopyranose 'C6 H12 O6'
NAG D-saccharide, beta linking 2-acetamido-2-deoxy-beta-D-glucopyranose 'C8 H15 N O6'
ZN non-polymer 'ZINC ION' 'Zn 2'
#
# COMPACT_ATOMS: atom_id res chain seq x y z
N LYS A 14 34.91 0.81 14.79
CA LYS A 14 34.07 1.95 14.46
C LYS A 14 32.60 1.53 14.32
N HIS A 15 31.73 2.30 14.95
CA HIS A 15 30.29 2.11 14.83
C HIS A 15 29.79 3.14 13.84
N ASN A 16 29.61 2.72 12.60
CA ASN A 16 29.15 3.62 11.55
C ASN A 16 28.21 2.83 10.70
N MET A 17 27.78 3.39 9.59
CA MET A 17 26.78 2.69 8.75
CA MET A 17 26.78 2.63 8.88
C MET A 17 27.34 1.35 8.29
N LYS A 18 28.61 1.35 7.90
CA LYS A 18 29.22 0.14 7.37
C LYS A 18 29.16 -1.01 8.37
N ALA A 19 29.39 -0.69 9.65
CA ALA A 19 29.35 -1.71 10.70
C ALA A 19 27.93 -2.26 10.79
N PHE A 20 26.96 -1.36 10.77
CA PHE A 20 25.58 -1.82 10.79
C PHE A 20 25.25 -2.71 9.59
N LEU A 21 25.60 -2.26 8.40
CA LEU A 21 25.30 -3.02 7.19
C LEU A 21 25.99 -4.37 7.16
N ASP A 22 27.22 -4.42 7.65
CA ASP A 22 28.01 -5.66 7.54
C ASP A 22 27.50 -6.74 8.48
N GLU A 23 26.84 -6.33 9.55
CA GLU A 23 26.32 -7.27 10.52
C GLU A 23 25.10 -8.03 9.98
N LEU A 24 24.38 -7.43 9.02
CA LEU A 24 23.22 -8.09 8.37
C LEU A 24 23.65 -9.34 7.61
N LYS A 25 22.90 -10.44 7.75
CA LYS A 25 23.26 -11.70 7.09
C LYS A 25 22.07 -12.30 6.37
N ALA A 26 22.28 -12.70 5.12
CA ALA A 26 21.28 -13.41 4.37
C ALA A 26 20.81 -14.65 5.09
N GLU A 27 21.74 -15.39 5.70
CA GLU A 27 21.35 -16.66 6.33
C GLU A 27 20.42 -16.46 7.53
N ASN A 28 20.57 -15.33 8.21
CA ASN A 28 19.69 -14.99 9.33
C ASN A 28 18.29 -14.69 8.81
N ILE A 29 18.22 -13.94 7.71
CA ILE A 29 16.91 -13.58 7.11
C ILE A 29 16.19 -14.87 6.68
N LYS A 30 16.95 -15.81 6.06
CA LYS A 30 16.39 -17.12 5.69
C LYS A 30 15.84 -17.89 6.88
N LYS A 31 16.62 -17.99 7.97
CA LYS A 31 16.17 -18.65 9.20
C LYS A 31 14.90 -18.01 9.78
N PHE A 32 14.85 -16.68 9.79
CA PHE A 32 13.68 -16.01 10.34
C PHE A 32 12.46 -16.25 9.44
N LEU A 33 12.67 -16.20 8.14
CA LEU A 33 11.57 -16.42 7.21
C LEU A 33 10.98 -17.82 7.40
N TYR A 34 11.85 -18.84 7.43
CA TYR A 34 11.35 -20.16 7.71
C TYR A 34 10.56 -20.19 9.04
N ASN A 35 11.07 -19.57 10.09
CA ASN A 35 10.46 -19.58 11.41
C ASN A 35 9.07 -18.93 11.41
N PHE A 36 8.89 -17.93 10.54
CA PHE A 36 7.64 -17.15 10.56
C PHE A 36 6.55 -17.71 9.66
N THR A 37 6.85 -18.80 8.91
CA THR A 37 5.92 -19.17 7.87
C THR A 37 5.48 -20.65 7.93
N GLN A 38 5.68 -21.29 9.08
CA GLN A 38 5.33 -22.73 9.21
C GLN A 38 3.85 -22.96 9.49
N ILE A 39 3.20 -21.95 10.08
CA ILE A 39 1.78 -22.04 10.37
C ILE A 39 1.13 -20.71 9.96
N PRO A 40 -0.21 -20.70 9.77
CA PRO A 40 -0.84 -19.42 9.43
C PRO A 40 -0.82 -18.46 10.62
N HIS A 41 -0.76 -17.17 10.29
CA HIS A 41 -0.79 -16.12 11.32
C HIS A 41 -1.88 -15.09 11.04
N LEU A 42 -3.12 -15.57 10.87
CA LEU A 42 -4.24 -14.67 10.56
C LEU A 42 -4.51 -13.70 11.70
N ALA A 43 -4.75 -12.41 11.38
CA ALA A 43 -5.04 -11.45 12.41
C ALA A 43 -6.18 -11.91 13.30
N GLY A 44 -6.01 -11.69 14.62
CA GLY A 44 -7.04 -11.98 15.61
C GLY A 44 -7.00 -13.42 16.07
N THR A 45 -6.13 -14.25 15.48
CA THR A 45 -6.06 -15.65 15.94
C THR A 45 -4.98 -15.89 17.00
N GLU A 46 -5.11 -17.00 17.74
CA GLU A 46 -4.14 -17.29 18.80
C GLU A 46 -2.71 -17.42 18.27
N GLN A 47 -2.57 -18.03 17.08
CA GLN A 47 -1.27 -18.24 16.44
C GLN A 47 -0.57 -16.90 16.20
N ASN A 48 -1.34 -15.87 15.84
CA ASN A 48 -0.71 -14.57 15.60
C ASN A 48 -0.34 -13.85 16.89
N PHE A 49 -1.08 -14.10 17.98
CA PHE A 49 -0.74 -13.56 19.29
C PHE A 49 0.53 -14.25 19.78
N GLN A 50 0.61 -15.59 19.60
CA GLN A 50 1.85 -16.26 20.00
C GLN A 50 3.08 -15.74 19.25
N LEU A 51 2.92 -15.49 17.94
CA LEU A 51 4.05 -14.94 17.18
C LEU A 51 4.38 -13.53 17.71
N ALA A 52 3.36 -12.71 17.99
CA ALA A 52 3.65 -11.40 18.64
C ALA A 52 4.53 -11.51 19.88
N LYS A 53 4.18 -12.45 20.75
CA LYS A 53 4.95 -12.66 21.99
C LYS A 53 6.38 -13.13 21.69
N GLN A 54 6.51 -14.01 20.68
CA GLN A 54 7.84 -14.43 20.29
C GLN A 54 8.69 -13.23 19.81
N ILE A 55 8.12 -12.39 18.94
CA ILE A 55 8.88 -11.25 18.41
C ILE A 55 9.24 -10.31 19.56
N GLN A 56 8.28 -10.06 20.46
CA GLN A 56 8.54 -9.20 21.62
C GLN A 56 9.76 -9.76 22.40
N SER A 57 9.75 -11.05 22.68
CA SER A 57 10.84 -11.66 23.45
C SER A 57 12.18 -11.55 22.75
N GLN A 58 12.18 -11.83 21.44
CA GLN A 58 13.41 -11.77 20.66
C GLN A 58 13.95 -10.35 20.53
N TRP A 59 13.07 -9.37 20.26
CA TRP A 59 13.57 -8.00 20.21
C TRP A 59 14.17 -7.54 21.53
N LYS A 60 13.63 -8.02 22.66
CA LYS A 60 14.26 -7.73 23.95
C LYS A 60 15.65 -8.38 24.00
N GLU A 61 15.73 -9.67 23.67
CA GLU A 61 17.00 -10.45 23.60
CA GLU A 61 17.04 -10.33 23.71
C GLU A 61 18.01 -9.68 22.74
N PHE A 62 17.51 -9.18 21.60
CA PHE A 62 18.38 -8.51 20.61
C PHE A 62 18.98 -7.20 21.14
N GLY A 63 18.37 -6.63 22.18
CA GLY A 63 18.95 -5.50 22.91
C GLY A 63 18.14 -4.20 22.95
N LEU A 64 16.89 -4.20 22.44
CA LEU A 64 16.13 -2.94 22.48
C LEU A 64 15.86 -2.51 23.90
N ASP A 65 15.73 -1.20 24.12
CA ASP A 65 15.51 -0.68 25.46
C ASP A 65 14.17 -1.04 26.06
N SER A 66 13.11 -1.03 25.26
CA SER A 66 11.80 -1.52 25.70
C SER A 66 11.09 -2.16 24.52
N VAL A 67 10.26 -3.14 24.82
CA VAL A 67 9.47 -3.75 23.76
C VAL A 67 8.15 -4.10 24.40
N GLU A 68 7.07 -3.48 23.89
CA GLU A 68 5.74 -3.64 24.49
C GLU A 68 4.74 -4.12 23.45
N LEU A 69 3.66 -4.77 23.88
CA LEU A 69 2.53 -5.01 22.98
C LEU A 69 1.51 -3.90 23.17
N ALA A 70 0.99 -3.38 22.06
CA ALA A 70 -0.06 -2.38 22.09
C ALA A 70 -1.23 -3.10 21.46
N HIS A 71 -2.32 -3.30 22.21
CA HIS A 71 -3.45 -4.05 21.66
C HIS A 71 -4.66 -3.13 21.51
N TYR A 72 -5.59 -3.55 20.65
CA TYR A 72 -6.79 -2.80 20.29
C TYR A 72 -7.84 -3.84 19.99
N ASP A 73 -9.10 -3.46 20.08
CA ASP A 73 -10.22 -4.38 19.76
C ASP A 73 -10.94 -3.75 18.59
N VAL A 74 -10.71 -4.38 17.43
CA VAL A 74 -11.16 -3.81 16.15
C VAL A 74 -12.09 -4.76 15.38
N LEU A 75 -12.86 -4.20 14.44
CA LEU A 75 -13.74 -5.05 13.64
C LEU A 75 -12.98 -5.90 12.63
N LEU A 76 -13.03 -7.24 12.80
CA LEU A 76 -12.45 -8.16 11.81
C LEU A 76 -13.58 -8.98 11.14
N SER A 77 -13.20 -9.88 10.21
CA SER A 77 -14.25 -10.62 9.46
C SER A 77 -13.72 -12.01 9.18
N TYR A 78 -14.58 -13.04 9.38
CA TYR A 78 -14.14 -14.42 9.17
C TYR A 78 -15.24 -15.28 8.59
N PRO A 79 -14.86 -16.25 7.76
CA PRO A 79 -15.93 -17.16 7.31
C PRO A 79 -16.49 -17.93 8.48
N ASN A 80 -17.69 -18.49 8.27
CA ASN A 80 -18.29 -19.37 9.30
C ASN A 80 -17.82 -20.80 9.02
N LYS A 81 -17.07 -21.36 9.97
CA LYS A 81 -16.45 -22.68 9.80
C LYS A 81 -17.44 -23.79 9.52
N THR A 82 -18.66 -23.64 10.01
CA THR A 82 -19.68 -24.69 9.80
C THR A 82 -20.77 -24.32 8.79
N HIS A 83 -20.57 -23.26 8.03
CA HIS A 83 -21.50 -22.83 7.04
C HIS A 83 -20.72 -22.15 5.90
N PRO A 84 -20.07 -22.95 5.06
CA PRO A 84 -19.08 -22.49 4.06
C PRO A 84 -19.63 -21.58 2.98
N ASN A 85 -18.79 -20.62 2.57
CA ASN A 85 -19.16 -19.74 1.49
C ASN A 85 -18.94 -20.45 0.16
N TYR A 86 -19.85 -20.28 -0.79
CA TYR A 86 -19.62 -20.81 -2.16
C TYR A 86 -20.59 -20.17 -3.13
N ILE A 87 -20.34 -20.40 -4.43
CA ILE A 87 -21.18 -19.89 -5.48
C ILE A 87 -21.68 -21.09 -6.30
N SER A 88 -22.91 -20.99 -6.75
CA SER A 88 -23.53 -22.05 -7.62
C SER A 88 -24.05 -21.50 -8.92
N ILE A 89 -24.15 -22.41 -9.90
CA ILE A 89 -25.08 -22.16 -11.01
C ILE A 89 -26.28 -23.03 -10.64
N ILE A 90 -27.45 -22.45 -10.71
CA ILE A 90 -28.69 -23.17 -10.37
C ILE A 90 -29.59 -23.25 -11.60
N ASN A 91 -30.33 -24.35 -11.74
CA ASN A 91 -31.32 -24.45 -12.81
C ASN A 91 -32.69 -23.95 -12.40
N GLU A 92 -33.65 -23.98 -13.33
CA GLU A 92 -35.05 -23.55 -13.13
C GLU A 92 -35.72 -24.14 -11.89
N ASP A 93 -35.35 -25.38 -11.55
CA ASP A 93 -35.89 -26.08 -10.38
C ASP A 93 -35.25 -25.60 -9.09
N GLY A 94 -34.12 -24.92 -9.21
CA GLY A 94 -33.35 -24.54 -8.05
C GLY A 94 -32.40 -25.67 -7.63
N ASN A 95 -32.02 -26.53 -8.59
CA ASN A 95 -30.94 -27.48 -8.34
C ASN A 95 -29.59 -26.82 -8.60
N GLU A 96 -28.67 -26.96 -7.67
CA GLU A 96 -27.33 -26.37 -7.83
C GLU A 96 -26.48 -27.31 -8.64
N ILE A 97 -26.32 -26.99 -9.92
CA ILE A 97 -25.64 -27.89 -10.86
C ILE A 97 -24.13 -27.74 -10.95
N PHE A 98 -23.60 -26.70 -10.33
CA PHE A 98 -22.17 -26.52 -10.28
C PHE A 98 -21.91 -25.70 -9.04
N ASN A 99 -20.89 -26.08 -8.26
CA ASN A 99 -20.49 -25.34 -7.06
C ASN A 99 -19.04 -24.99 -7.13
N THR A 100 -18.71 -23.75 -6.74
CA THR A 100 -17.29 -23.42 -6.65
C THR A 100 -16.65 -24.13 -5.48
N SER A 101 -15.31 -24.12 -5.46
CA SER A 101 -14.58 -24.85 -4.44
C SER A 101 -14.80 -24.37 -3.00
N LEU A 102 -14.65 -25.25 -2.02
CA LEU A 102 -14.72 -24.77 -0.63
C LEU A 102 -13.37 -24.40 -0.01
N PHE A 103 -12.28 -24.68 -0.73
CA PHE A 103 -10.91 -24.42 -0.26
C PHE A 103 -9.94 -24.62 -1.40
N GLU A 104 -8.75 -24.02 -1.28
CA GLU A 104 -7.71 -24.23 -2.30
C GLU A 104 -7.03 -25.56 -1.95
N PRO A 105 -6.72 -26.36 -2.97
CA PRO A 105 -5.97 -27.59 -2.63
C PRO A 105 -4.64 -27.24 -1.94
N PRO A 106 -4.37 -27.78 -0.75
CA PRO A 106 -3.17 -27.32 -0.07
C PRO A 106 -1.90 -27.80 -0.74
N PRO A 107 -0.80 -27.04 -0.58
CA PRO A 107 0.41 -27.43 -1.28
C PRO A 107 1.09 -28.65 -0.64
N PRO A 108 2.03 -29.26 -1.37
CA PRO A 108 2.71 -30.45 -0.86
C PRO A 108 3.26 -30.32 0.57
N GLY A 109 2.88 -31.26 1.43
CA GLY A 109 3.41 -31.29 2.77
C GLY A 109 2.62 -30.41 3.74
N TYR A 110 1.66 -29.65 3.22
CA TYR A 110 0.78 -28.78 4.04
C TYR A 110 -0.66 -29.25 4.01
N GLU A 111 -0.90 -30.42 3.43
CA GLU A 111 -2.25 -30.92 3.31
C GLU A 111 -2.87 -31.26 4.67
N ASN A 112 -2.07 -31.27 5.73
CA ASN A 112 -2.57 -31.55 7.09
C ASN A 112 -2.51 -30.35 8.04
N VAL A 113 -2.04 -29.22 7.52
CA VAL A 113 -2.02 -28.02 8.33
C VAL A 113 -3.46 -27.57 8.60
N SER A 114 -3.76 -27.25 9.85
CA SER A 114 -5.10 -26.80 10.17
C SER A 114 -5.15 -25.27 10.19
N ASP A 115 -6.37 -24.77 10.22
CA ASP A 115 -6.59 -23.37 10.44
C ASP A 115 -6.13 -22.58 9.21
N ILE A 116 -6.14 -23.22 8.04
CA ILE A 116 -6.02 -22.42 6.82
C ILE A 116 -7.37 -21.78 6.52
N VAL A 117 -7.44 -20.44 6.57
CA VAL A 117 -8.70 -19.79 6.31
C VAL A 117 -9.08 -20.02 4.83
N PRO A 118 -10.32 -20.50 4.55
CA PRO A 118 -10.63 -20.66 3.12
C PRO A 118 -10.72 -19.30 2.39
N PRO A 119 -10.61 -19.31 1.06
CA PRO A 119 -10.76 -18.03 0.34
C PRO A 119 -12.08 -17.34 0.66
N PHE A 120 -12.00 -16.04 0.98
CA PHE A 120 -13.19 -15.23 1.17
C PHE A 120 -12.82 -13.78 0.99
N SER A 121 -13.84 -12.93 0.80
CA SER A 121 -13.61 -11.47 0.78
C SER A 121 -13.93 -10.88 2.15
N ALA A 122 -12.89 -10.44 2.86
CA ALA A 122 -13.14 -9.95 4.21
C ALA A 122 -14.05 -8.72 4.17
N PHE A 123 -15.04 -8.76 5.08
CA PHE A 123 -16.05 -7.71 5.37
C PHE A 123 -17.26 -7.79 4.45
N SER A 124 -17.30 -8.79 3.58
CA SER A 124 -18.56 -9.02 2.83
C SER A 124 -19.74 -9.17 3.80
N PRO A 125 -20.89 -8.55 3.47
CA PRO A 125 -22.09 -8.90 4.27
C PRO A 125 -22.56 -10.29 3.88
N GLN A 126 -23.48 -10.84 4.68
CA GLN A 126 -24.11 -12.13 4.39
C GLN A 126 -25.20 -11.96 3.36
N GLY A 127 -25.45 -13.02 2.61
CA GLY A 127 -26.57 -12.98 1.69
C GLY A 127 -26.53 -14.19 0.77
N MET A 128 -27.68 -14.45 0.14
CA MET A 128 -27.72 -15.51 -0.87
C MET A 128 -28.38 -15.00 -2.16
N PRO A 129 -27.87 -13.89 -2.75
CA PRO A 129 -28.46 -13.32 -3.96
C PRO A 129 -28.38 -14.31 -5.16
N GLU A 130 -29.46 -14.36 -5.96
CA GLU A 130 -29.51 -15.18 -7.20
C GLU A 130 -29.79 -14.26 -8.36
N GLY A 131 -29.15 -14.45 -9.50
CA GLY A 131 -29.41 -13.54 -10.61
C GLY A 131 -28.62 -13.85 -11.85
N ASP A 132 -28.72 -12.96 -12.82
CA ASP A 132 -27.98 -13.08 -14.06
C ASP A 132 -26.64 -12.37 -13.94
N LEU A 133 -25.61 -12.98 -14.51
CA LEU A 133 -24.26 -12.41 -14.48
C LEU A 133 -24.09 -11.30 -15.48
N VAL A 134 -23.32 -10.27 -15.12
CA VAL A 134 -22.75 -9.32 -16.09
C VAL A 134 -21.23 -9.35 -15.87
N TYR A 135 -20.46 -9.51 -16.94
CA TYR A 135 -18.99 -9.45 -16.83
C TYR A 135 -18.51 -8.03 -17.04
N VAL A 136 -17.71 -7.52 -16.08
CA VAL A 136 -17.39 -6.08 -16.03
C VAL A 136 -15.88 -5.81 -16.16
N ASN A 137 -15.15 -6.73 -16.81
CA ASN A 137 -13.71 -6.59 -17.02
C ASN A 137 -13.07 -6.44 -15.63
N TYR A 138 -12.28 -5.38 -15.43
CA TYR A 138 -11.57 -5.19 -14.15
C TYR A 138 -12.42 -4.40 -13.16
N ALA A 139 -13.67 -4.10 -13.50
CA ALA A 139 -14.56 -3.35 -12.61
C ALA A 139 -14.00 -1.94 -12.28
N ARG A 140 -13.20 -1.41 -13.21
CA ARG A 140 -12.69 -0.02 -13.05
C ARG A 140 -13.77 1.01 -13.38
N THR A 141 -13.54 2.24 -12.92
CA THR A 141 -14.43 3.33 -13.26
C THR A 141 -14.66 3.37 -14.77
N GLU A 142 -13.60 3.25 -15.56
CA GLU A 142 -13.77 3.33 -17.03
C GLU A 142 -14.49 2.11 -17.57
N ASP A 143 -14.38 0.97 -16.87
CA ASP A 143 -15.11 -0.25 -17.36
C ASP A 143 -16.62 -0.03 -17.20
N PHE A 144 -17.03 0.55 -16.05
CA PHE A 144 -18.43 0.85 -15.87
C PHE A 144 -18.90 1.98 -16.79
N PHE A 145 -18.07 2.99 -17.01
CA PHE A 145 -18.41 4.02 -18.01
C PHE A 145 -18.76 3.32 -19.34
N LYS A 146 -17.89 2.39 -19.76
CA LYS A 146 -18.06 1.76 -21.09
C LYS A 146 -19.37 0.96 -21.13
N LEU A 147 -19.62 0.16 -20.10
CA LEU A 147 -20.88 -0.60 -20.00
C LEU A 147 -22.12 0.27 -20.02
N GLU A 148 -22.18 1.27 -19.11
CA GLU A 148 -23.37 2.10 -18.98
C GLU A 148 -23.54 3.10 -20.10
N ARG A 149 -22.46 3.82 -20.44
CA ARG A 149 -22.57 4.94 -21.36
C ARG A 149 -22.50 4.51 -22.83
N ASP A 150 -21.60 3.57 -23.15
CA ASP A 150 -21.36 3.17 -24.54
C ASP A 150 -22.18 1.95 -24.92
N MET A 151 -22.18 0.93 -24.07
CA MET A 151 -22.85 -0.32 -24.43
C MET A 151 -24.31 -0.37 -23.99
N LYS A 152 -24.70 0.56 -23.14
CA LYS A 152 -26.05 0.66 -22.60
C LYS A 152 -26.46 -0.59 -21.83
N ILE A 153 -25.52 -1.18 -21.10
CA ILE A 153 -25.84 -2.37 -20.29
C ILE A 153 -26.07 -1.94 -18.85
N ASN A 154 -27.17 -2.40 -18.26
CA ASN A 154 -27.56 -1.96 -16.93
C ASN A 154 -27.23 -3.07 -15.92
N CYS A 155 -26.40 -2.77 -14.91
CA CYS A 155 -26.01 -3.76 -13.91
C CYS A 155 -26.96 -3.83 -12.74
N SER A 156 -27.99 -2.98 -12.75
CA SER A 156 -28.93 -2.93 -11.65
C SER A 156 -29.55 -4.31 -11.39
N GLY A 157 -29.36 -4.84 -10.19
CA GLY A 157 -29.97 -6.10 -9.82
C GLY A 157 -29.28 -7.32 -10.39
N LYS A 158 -28.12 -7.12 -11.03
CA LYS A 158 -27.33 -8.21 -11.59
C LYS A 158 -26.19 -8.60 -10.64
N ILE A 159 -25.69 -9.81 -10.81
CA ILE A 159 -24.45 -10.22 -10.13
C ILE A 159 -23.33 -9.92 -11.10
N VAL A 160 -22.32 -9.15 -10.66
CA VAL A 160 -21.25 -8.89 -11.59
C VAL A 160 -20.06 -9.80 -11.31
N ILE A 161 -19.38 -10.19 -12.38
CA ILE A 161 -18.17 -10.94 -12.26
C ILE A 161 -17.04 -10.09 -12.84
N ALA A 162 -16.00 -9.87 -12.03
CA ALA A 162 -14.89 -9.02 -12.42
C ALA A 162 -13.60 -9.78 -12.25
N ARG A 163 -12.65 -9.56 -13.17
CA ARG A 163 -11.33 -10.09 -12.97
C ARG A 163 -10.51 -9.19 -12.04
N TYR A 164 -9.72 -9.82 -11.19
CA TYR A 164 -8.80 -9.11 -10.32
C TYR A 164 -7.75 -8.46 -11.21
N GLY A 165 -7.10 -7.41 -10.68
CA GLY A 165 -5.99 -6.76 -11.40
C GLY A 165 -6.23 -5.28 -11.61
N LYS A 166 -5.16 -4.55 -11.92
CA LYS A 166 -5.23 -3.12 -12.32
C LYS A 166 -5.53 -2.17 -11.17
N VAL A 167 -6.52 -2.49 -10.33
CA VAL A 167 -6.89 -1.59 -9.21
C VAL A 167 -7.22 -2.37 -7.98
N PHE A 168 -7.16 -1.68 -6.83
CA PHE A 168 -7.55 -2.31 -5.54
C PHE A 168 -8.96 -2.90 -5.59
N ARG A 169 -9.11 -4.10 -5.04
CA ARG A 169 -10.43 -4.79 -5.10
C ARG A 169 -11.56 -4.04 -4.37
N GLY A 170 -11.22 -3.26 -3.33
CA GLY A 170 -12.20 -2.43 -2.68
C GLY A 170 -12.81 -1.41 -3.67
N ASN A 171 -12.01 -0.82 -4.57
CA ASN A 171 -12.58 0.08 -5.57
C ASN A 171 -13.51 -0.63 -6.54
N LYS A 172 -13.15 -1.85 -6.89
CA LYS A 172 -14.04 -2.65 -7.73
C LYS A 172 -15.41 -2.82 -7.12
N VAL A 173 -15.44 -3.15 -5.83
CA VAL A 173 -16.70 -3.42 -5.17
C VAL A 173 -17.51 -2.11 -5.04
N LYS A 174 -16.83 -1.00 -4.72
CA LYS A 174 -17.52 0.29 -4.60
C LYS A 174 -18.14 0.60 -5.96
N ASN A 175 -17.36 0.40 -7.02
CA ASN A 175 -17.84 0.67 -8.40
C ASN A 175 -19.06 -0.20 -8.75
N ALA A 176 -18.99 -1.49 -8.41
CA ALA A 176 -20.15 -2.40 -8.69
C ALA A 176 -21.39 -1.97 -7.89
N GLN A 177 -21.19 -1.61 -6.62
CA GLN A 177 -22.33 -1.18 -5.78
C GLN A 177 -22.99 0.03 -6.39
N LEU A 178 -22.18 1.00 -6.79
CA LEU A 178 -22.76 2.21 -7.36
C LEU A 178 -23.46 1.97 -8.70
N ALA A 179 -23.01 0.95 -9.45
CA ALA A 179 -23.73 0.51 -10.67
C ALA A 179 -25.00 -0.26 -10.35
N GLY A 180 -25.27 -0.53 -9.08
CA GLY A 180 -26.49 -1.23 -8.69
C GLY A 180 -26.42 -2.75 -8.64
N ALA A 181 -25.20 -3.31 -8.69
CA ALA A 181 -25.04 -4.77 -8.60
C ALA A 181 -25.61 -5.29 -7.28
N LYS A 182 -26.04 -6.56 -7.28
CA LYS A 182 -26.50 -7.15 -6.03
C LYS A 182 -25.50 -8.15 -5.49
N GLY A 183 -24.37 -8.34 -6.18
CA GLY A 183 -23.27 -9.17 -5.65
C GLY A 183 -22.09 -9.05 -6.58
N VAL A 184 -20.90 -9.42 -6.11
CA VAL A 184 -19.73 -9.33 -6.96
C VAL A 184 -18.96 -10.64 -6.81
N ILE A 185 -18.55 -11.22 -7.93
CA ILE A 185 -17.64 -12.37 -7.93
C ILE A 185 -16.31 -11.88 -8.49
N LEU A 186 -15.22 -12.05 -7.73
CA LEU A 186 -13.88 -11.66 -8.19
C LEU A 186 -13.16 -12.92 -8.57
N TYR A 187 -12.39 -12.89 -9.67
CA TYR A 187 -11.62 -14.09 -10.01
C TYR A 187 -10.28 -13.72 -10.60
N SER A 188 -9.32 -14.65 -10.54
CA SER A 188 -7.99 -14.44 -11.08
C SER A 188 -7.90 -14.98 -12.51
N ASP A 189 -7.78 -14.10 -13.47
CA ASP A 189 -7.63 -14.56 -14.87
C ASP A 189 -6.17 -14.91 -15.14
N PRO A 190 -5.90 -16.02 -15.86
CA PRO A 190 -4.51 -16.31 -16.22
C PRO A 190 -3.83 -15.19 -16.98
N ALA A 191 -4.59 -14.37 -17.71
CA ALA A 191 -3.98 -13.21 -18.36
C ALA A 191 -3.21 -12.32 -17.36
N ASP A 192 -3.69 -12.25 -16.12
CA ASP A 192 -3.15 -11.30 -15.12
C ASP A 192 -2.38 -12.02 -14.04
N TYR A 193 -2.48 -13.36 -13.96
CA TYR A 193 -1.82 -14.10 -12.89
C TYR A 193 -1.09 -15.38 -13.33
N PHE A 194 -0.81 -15.50 -14.65
CA PHE A 194 -0.08 -16.68 -15.10
C PHE A 194 0.91 -16.19 -16.15
N ALA A 195 2.19 -16.14 -15.78
CA ALA A 195 3.22 -15.67 -16.69
C ALA A 195 3.49 -16.77 -17.73
N PRO A 196 3.46 -16.41 -19.02
CA PRO A 196 3.75 -17.39 -20.08
C PRO A 196 5.09 -18.09 -19.84
N GLY A 197 5.11 -19.42 -20.01
CA GLY A 197 6.34 -20.16 -19.96
C GLY A 197 6.86 -20.57 -18.61
N VAL A 198 6.06 -20.33 -17.55
CA VAL A 198 6.41 -20.71 -16.18
C VAL A 198 5.33 -21.65 -15.66
N LYS A 199 5.73 -22.55 -14.78
CA LYS A 199 4.83 -23.57 -14.31
C LYS A 199 4.09 -23.08 -13.06
N SER A 200 2.92 -23.65 -12.82
CA SER A 200 2.09 -23.42 -11.64
C SER A 200 2.77 -23.97 -10.42
N TYR A 201 2.50 -23.36 -9.25
CA TYR A 201 2.97 -23.90 -8.01
C TYR A 201 2.47 -25.35 -7.88
N PRO A 202 3.31 -26.30 -7.38
CA PRO A 202 4.65 -26.20 -6.75
C PRO A 202 5.85 -26.24 -7.68
N ASP A 203 5.61 -26.30 -8.96
CA ASP A 203 6.69 -26.48 -9.92
C ASP A 203 7.21 -25.17 -10.49
N GLY A 204 6.54 -24.06 -10.15
CA GLY A 204 7.00 -22.75 -10.56
C GLY A 204 6.22 -21.77 -9.74
N TRP A 205 6.26 -20.51 -10.16
CA TRP A 205 5.69 -19.44 -9.32
C TRP A 205 4.35 -18.91 -9.83
N ASN A 206 3.72 -19.62 -10.76
CA ASN A 206 2.39 -19.25 -11.29
C ASN A 206 1.22 -19.72 -10.45
N LEU A 207 0.06 -19.05 -10.62
CA LEU A 207 -1.15 -19.40 -9.90
C LEU A 207 -1.81 -20.58 -10.61
N PRO A 208 -2.04 -21.66 -9.87
CA PRO A 208 -2.81 -22.77 -10.40
C PRO A 208 -4.29 -22.44 -10.50
N GLY A 209 -5.05 -23.25 -11.26
CA GLY A 209 -6.45 -22.91 -11.52
C GLY A 209 -7.32 -23.00 -10.27
N GLY A 210 -6.84 -23.72 -9.25
CA GLY A 210 -7.55 -23.84 -7.95
C GLY A 210 -7.12 -22.75 -6.94
N GLY A 211 -6.13 -21.95 -7.31
CA GLY A 211 -5.60 -20.89 -6.41
C GLY A 211 -6.59 -19.72 -6.37
N VAL A 212 -6.67 -19.05 -5.23
CA VAL A 212 -7.60 -17.93 -5.07
C VAL A 212 -6.92 -16.86 -4.21
N GLN A 213 -7.17 -15.62 -4.61
CA GLN A 213 -6.63 -14.45 -3.89
C GLN A 213 -7.62 -13.96 -2.84
N ARG A 214 -7.23 -14.10 -1.57
CA ARG A 214 -7.97 -13.50 -0.43
C ARG A 214 -7.77 -11.98 -0.43
N GLY A 215 -8.57 -11.27 0.38
CA GLY A 215 -8.31 -9.84 0.56
C GLY A 215 -9.55 -9.09 1.00
N ASN A 216 -9.34 -8.03 1.76
CA ASN A 216 -10.49 -7.24 2.21
C ASN A 216 -10.98 -6.34 1.08
N ILE A 217 -12.28 -6.01 1.18
CA ILE A 217 -12.97 -5.19 0.21
C ILE A 217 -13.56 -3.90 0.79
N LEU A 218 -12.89 -3.35 1.80
CA LEU A 218 -13.34 -2.12 2.44
C LEU A 218 -12.97 -0.91 1.58
N ASN A 219 -13.64 0.21 1.89
CA ASN A 219 -13.29 1.52 1.36
C ASN A 219 -13.17 2.46 2.56
N LEU A 220 -12.09 2.28 3.30
CA LEU A 220 -11.95 3.02 4.55
C LEU A 220 -11.45 4.45 4.36
N ASN A 221 -10.81 4.73 3.22
CA ASN A 221 -10.18 6.08 3.01
C ASN A 221 -9.35 6.59 4.20
N GLY A 222 -8.61 5.68 4.80
CA GLY A 222 -7.71 6.09 5.87
C GLY A 222 -8.27 6.00 7.28
N ALA A 223 -9.49 5.50 7.43
CA ALA A 223 -10.13 5.61 8.75
C ALA A 223 -9.59 4.66 9.82
N GLY A 224 -9.03 3.54 9.42
CA GLY A 224 -8.64 2.52 10.40
C GLY A 224 -9.83 1.64 10.78
N ASP A 225 -9.86 1.21 12.04
CA ASP A 225 -11.00 0.37 12.48
C ASP A 225 -12.34 0.97 12.04
N PRO A 226 -13.20 0.19 11.35
CA PRO A 226 -14.47 0.77 10.90
C PRO A 226 -15.32 1.39 12.01
N LEU A 227 -15.16 0.90 13.24
CA LEU A 227 -16.09 1.35 14.27
C LEU A 227 -15.61 2.57 15.05
N THR A 228 -14.34 2.96 14.92
CA THR A 228 -13.79 4.03 15.79
C THR A 228 -12.98 5.10 15.04
N PRO A 229 -13.51 5.62 13.92
CA PRO A 229 -12.71 6.60 13.14
C PRO A 229 -12.29 7.81 14.00
N GLY A 230 -10.99 8.12 13.99
CA GLY A 230 -10.42 9.28 14.70
C GLY A 230 -9.79 8.99 16.07
N TYR A 231 -10.08 7.81 16.64
CA TYR A 231 -9.72 7.54 18.05
C TYR A 231 -9.31 6.06 18.18
N PRO A 232 -8.35 5.79 19.05
CA PRO A 232 -7.96 4.36 19.14
C PRO A 232 -9.01 3.47 19.74
N ALA A 233 -9.06 2.23 19.24
CA ALA A 233 -10.05 1.24 19.66
C ALA A 233 -9.56 0.57 20.98
N ASN A 234 -9.48 1.39 22.02
CA ASN A 234 -8.96 0.95 23.32
C ASN A 234 -10.11 0.35 24.14
N GLU A 235 -9.86 0.19 25.46
N GLU A 235 -9.90 0.06 25.44
CA GLU A 235 -10.74 -0.53 26.40
CA GLU A 235 -10.94 -0.66 26.18
C GLU A 235 -12.07 0.14 26.68
C GLU A 235 -12.22 0.15 26.31
N TYR A 236 -12.09 1.46 26.52
CA TYR A 236 -13.30 2.25 26.81
C TYR A 236 -13.86 2.91 25.59
N ALA A 237 -13.40 2.52 24.40
CA ALA A 237 -13.78 3.26 23.22
C ALA A 237 -15.28 3.13 22.99
N TYR A 238 -15.87 4.21 22.47
CA TYR A 238 -17.26 4.15 22.03
C TYR A 238 -17.26 3.73 20.58
N ARG A 239 -18.06 2.74 20.24
CA ARG A 239 -18.05 2.21 18.88
C ARG A 239 -19.29 2.60 18.16
N ARG A 240 -19.12 2.93 16.88
CA ARG A 240 -20.30 3.07 16.03
C ARG A 240 -21.03 1.75 15.94
N GLY A 241 -22.35 1.83 15.69
CA GLY A 241 -23.08 0.64 15.33
C GLY A 241 -22.69 0.24 13.92
N ILE A 242 -22.86 -1.03 13.57
CA ILE A 242 -22.52 -1.52 12.23
C ILE A 242 -23.10 -0.65 11.12
N ALA A 243 -24.33 -0.21 11.28
CA ALA A 243 -24.93 0.56 10.20
C ALA A 243 -24.21 1.87 9.93
N GLU A 244 -23.48 2.41 10.91
CA GLU A 244 -22.75 3.68 10.74
C GLU A 244 -21.23 3.43 10.57
N ALA A 245 -20.83 2.16 10.49
CA ALA A 245 -19.39 1.83 10.38
C ALA A 245 -18.82 2.42 9.08
N VAL A 246 -17.51 2.66 9.09
CA VAL A 246 -16.88 3.19 7.89
C VAL A 246 -16.48 2.09 6.94
N GLY A 247 -16.89 2.28 5.69
CA GLY A 247 -16.26 1.53 4.57
C GLY A 247 -16.75 0.13 4.25
N LEU A 248 -17.81 -0.32 4.91
CA LEU A 248 -18.28 -1.70 4.68
C LEU A 248 -19.07 -1.77 3.36
N PRO A 249 -18.91 -2.88 2.63
CA PRO A 249 -19.66 -3.08 1.40
C PRO A 249 -21.10 -3.46 1.71
N SER A 250 -22.00 -3.15 0.78
CA SER A 250 -23.44 -3.37 0.96
CA SER A 250 -23.42 -3.41 1.02
C SER A 250 -23.94 -4.60 0.25
N ILE A 251 -23.09 -5.23 -0.54
CA ILE A 251 -23.49 -6.42 -1.34
C ILE A 251 -22.50 -7.53 -1.12
N PRO A 252 -22.95 -8.78 -1.21
CA PRO A 252 -22.01 -9.87 -0.94
C PRO A 252 -20.92 -10.00 -2.04
N VAL A 253 -19.73 -10.49 -1.64
CA VAL A 253 -18.60 -10.57 -2.57
C VAL A 253 -17.84 -11.84 -2.23
N HIS A 254 -17.28 -12.51 -3.24
CA HIS A 254 -16.50 -13.71 -2.99
C HIS A 254 -15.51 -13.91 -4.12
N PRO A 255 -14.29 -14.40 -3.80
CA PRO A 255 -13.28 -14.63 -4.83
C PRO A 255 -13.14 -16.09 -5.19
N ILE A 256 -12.81 -16.33 -6.46
CA ILE A 256 -12.63 -17.69 -7.01
C ILE A 256 -11.41 -17.77 -7.94
N GLY A 257 -10.99 -19.01 -8.22
CA GLY A 257 -9.88 -19.24 -9.14
C GLY A 257 -10.39 -19.42 -10.56
N TYR A 258 -9.45 -19.59 -11.47
CA TYR A 258 -9.83 -19.59 -12.88
C TYR A 258 -10.46 -20.91 -13.37
N TYR A 259 -10.21 -22.03 -12.71
CA TYR A 259 -11.01 -23.25 -13.05
C TYR A 259 -12.46 -22.97 -12.80
N ASP A 260 -12.77 -22.44 -11.61
CA ASP A 260 -14.17 -22.13 -11.30
C ASP A 260 -14.70 -21.00 -12.17
N ALA A 261 -13.89 -19.96 -12.39
CA ALA A 261 -14.37 -18.85 -13.26
C ALA A 261 -14.75 -19.33 -14.65
N GLN A 262 -13.98 -20.25 -15.18
CA GLN A 262 -14.26 -20.73 -16.55
C GLN A 262 -15.69 -21.34 -16.60
N LYS A 263 -16.08 -22.04 -15.56
CA LYS A 263 -17.41 -22.62 -15.49
C LYS A 263 -18.51 -21.57 -15.39
N LEU A 264 -18.24 -20.42 -14.77
CA LEU A 264 -19.24 -19.34 -14.71
C LEU A 264 -19.31 -18.50 -15.99
N LEU A 265 -18.17 -18.33 -16.66
CA LEU A 265 -18.08 -17.49 -17.83
C LEU A 265 -18.42 -18.21 -19.14
N GLU A 266 -18.21 -19.52 -19.17
CA GLU A 266 -18.29 -20.23 -20.46
C GLU A 266 -19.68 -20.14 -21.10
N LYS A 267 -20.71 -20.00 -20.27
CA LYS A 267 -22.07 -19.98 -20.74
C LYS A 267 -22.59 -18.58 -21.01
N MET A 268 -21.76 -17.56 -20.75
CA MET A 268 -22.23 -16.18 -20.92
C MET A 268 -22.72 -15.79 -22.32
N GLY A 269 -23.85 -15.09 -22.34
CA GLY A 269 -24.43 -14.60 -23.59
C GLY A 269 -24.51 -13.09 -23.63
N GLY A 270 -25.56 -12.57 -24.28
CA GLY A 270 -25.74 -11.13 -24.41
C GLY A 270 -24.68 -10.56 -25.33
N SER A 271 -24.19 -9.36 -25.00
CA SER A 271 -23.29 -8.64 -25.87
C SER A 271 -21.88 -9.22 -25.90
N ALA A 272 -21.22 -9.14 -27.04
CA ALA A 272 -19.80 -9.50 -27.15
C ALA A 272 -18.96 -8.51 -26.33
N PRO A 273 -17.72 -8.90 -25.95
CA PRO A 273 -16.79 -7.92 -25.34
C PRO A 273 -16.57 -6.79 -26.34
N PRO A 274 -16.46 -5.54 -25.87
CA PRO A 274 -16.40 -4.41 -26.79
C PRO A 274 -15.09 -4.33 -27.57
N ASP A 275 -14.04 -4.96 -27.06
CA ASP A 275 -12.74 -4.97 -27.72
C ASP A 275 -11.81 -5.93 -26.98
N SER A 276 -10.59 -6.10 -27.49
CA SER A 276 -9.69 -7.11 -26.95
C SER A 276 -9.20 -6.84 -25.50
N SER A 277 -9.20 -5.58 -25.06
CA SER A 277 -8.76 -5.22 -23.67
C SER A 277 -9.71 -5.78 -22.60
N TRP A 278 -10.84 -6.31 -23.06
CA TRP A 278 -11.85 -6.96 -22.21
C TRP A 278 -11.69 -8.49 -22.19
N ARG A 279 -10.83 -9.02 -23.07
CA ARG A 279 -10.60 -10.47 -23.14
C ARG A 279 -9.37 -10.92 -22.35
N GLY A 280 -9.58 -11.83 -21.39
CA GLY A 280 -8.51 -12.56 -20.71
C GLY A 280 -8.04 -13.75 -21.53
N SER A 281 -7.44 -14.73 -20.87
CA SER A 281 -6.81 -15.85 -21.58
C SER A 281 -7.59 -17.14 -21.51
N LEU A 282 -8.74 -17.16 -20.85
CA LEU A 282 -9.47 -18.42 -20.78
C LEU A 282 -10.14 -18.69 -22.14
N LYS A 283 -10.49 -19.94 -22.37
CA LYS A 283 -11.18 -20.33 -23.60
C LYS A 283 -12.68 -20.10 -23.48
N VAL A 284 -13.02 -18.83 -23.36
CA VAL A 284 -14.40 -18.39 -23.32
C VAL A 284 -14.46 -17.11 -24.15
N PRO A 285 -15.67 -16.70 -24.55
CA PRO A 285 -15.86 -15.53 -25.41
C PRO A 285 -15.73 -14.20 -24.69
N TYR A 286 -15.80 -14.22 -23.37
CA TYR A 286 -15.80 -12.97 -22.56
C TYR A 286 -17.00 -12.08 -22.92
N ASN A 287 -18.14 -12.71 -23.22
CA ASN A 287 -19.38 -11.96 -23.41
C ASN A 287 -19.72 -11.22 -22.15
N VAL A 288 -20.28 -10.03 -22.32
CA VAL A 288 -20.59 -9.17 -21.17
C VAL A 288 -21.91 -9.58 -20.50
N GLY A 289 -22.76 -10.31 -21.22
CA GLY A 289 -24.09 -10.61 -20.70
C GLY A 289 -25.07 -9.50 -21.02
N PRO A 290 -26.10 -9.33 -20.19
CA PRO A 290 -26.40 -10.10 -18.98
C PRO A 290 -26.84 -11.53 -19.30
N GLY A 291 -26.58 -12.42 -18.37
CA GLY A 291 -27.08 -13.79 -18.44
C GLY A 291 -26.36 -14.72 -19.40
N PHE A 292 -26.90 -15.93 -19.54
CA PHE A 292 -26.29 -17.02 -20.29
C PHE A 292 -26.94 -17.14 -21.68
N THR A 293 -26.28 -17.84 -22.60
CA THR A 293 -26.83 -18.05 -23.96
C THR A 293 -28.11 -18.90 -23.95
N GLY A 294 -28.87 -18.81 -25.04
CA GLY A 294 -30.22 -19.40 -25.14
C GLY A 294 -30.52 -20.72 -24.43
N ASN A 295 -29.71 -21.74 -24.65
CA ASN A 295 -29.93 -23.04 -24.02
C ASN A 295 -29.95 -22.97 -22.50
N PHE A 296 -29.21 -22.01 -21.95
CA PHE A 296 -28.99 -21.93 -20.52
C PHE A 296 -29.60 -20.67 -19.92
N SER A 297 -30.40 -19.97 -20.73
CA SER A 297 -30.97 -18.69 -20.36
C SER A 297 -31.77 -18.73 -19.07
N THR A 298 -32.29 -19.90 -18.68
CA THR A 298 -33.09 -19.97 -17.45
C THR A 298 -32.27 -20.33 -16.22
N GLN A 299 -30.99 -20.61 -16.43
CA GLN A 299 -30.10 -20.89 -15.33
C GLN A 299 -29.69 -19.55 -14.74
N LYS A 300 -29.33 -19.56 -13.46
CA LYS A 300 -28.92 -18.34 -12.77
C LYS A 300 -27.71 -18.63 -11.91
N VAL A 301 -27.07 -17.57 -11.42
CA VAL A 301 -25.96 -17.74 -10.49
C VAL A 301 -26.40 -17.35 -9.09
N LYS A 302 -26.02 -18.15 -8.09
CA LYS A 302 -26.43 -17.89 -6.72
C LYS A 302 -25.20 -17.86 -5.81
N MET A 303 -25.01 -16.77 -5.07
CA MET A 303 -23.96 -16.71 -4.05
C MET A 303 -24.47 -17.21 -2.69
N HIS A 304 -23.58 -17.75 -1.86
CA HIS A 304 -23.96 -18.09 -0.50
C HIS A 304 -22.84 -17.59 0.41
N ILE A 305 -23.09 -16.47 1.06
CA ILE A 305 -22.03 -15.85 1.87
C ILE A 305 -22.54 -15.75 3.30
N HIS A 306 -21.75 -16.31 4.24
CA HIS A 306 -22.16 -16.41 5.65
C HIS A 306 -21.11 -15.95 6.67
N SER A 307 -20.14 -15.22 6.14
CA SER A 307 -19.05 -14.64 6.97
C SER A 307 -19.65 -13.70 8.00
N THR A 308 -18.91 -13.48 9.09
CA THR A 308 -19.41 -12.57 10.13
C THR A 308 -18.33 -11.58 10.49
N ASN A 309 -18.75 -10.36 10.80
CA ASN A 309 -17.81 -9.33 11.25
C ASN A 309 -17.82 -9.43 12.77
N GLU A 310 -16.65 -9.31 13.41
CA GLU A 310 -16.60 -9.49 14.84
C GLU A 310 -15.49 -8.67 15.41
N VAL A 311 -15.82 -7.99 16.50
CA VAL A 311 -14.78 -7.20 17.18
C VAL A 311 -13.80 -8.18 17.82
N THR A 312 -12.51 -7.97 17.56
CA THR A 312 -11.48 -8.97 17.89
C THR A 312 -10.21 -8.25 18.33
N ARG A 313 -9.50 -8.82 19.29
CA ARG A 313 -8.27 -8.16 19.78
C ARG A 313 -7.08 -8.43 18.83
N ILE A 314 -6.30 -7.37 18.61
CA ILE A 314 -5.08 -7.44 17.74
C ILE A 314 -3.93 -6.87 18.56
N TYR A 315 -2.71 -7.20 18.16
CA TYR A 315 -1.51 -6.86 18.94
C TYR A 315 -0.38 -6.35 18.05
N ASN A 316 0.02 -5.10 18.27
CA ASN A 316 1.23 -4.58 17.63
C ASN A 316 2.41 -4.80 18.56
N VAL A 317 3.59 -5.10 18.02
CA VAL A 317 4.79 -5.10 18.91
C VAL A 317 5.52 -3.78 18.64
N ILE A 318 5.86 -3.02 19.70
CA ILE A 318 6.53 -1.73 19.54
C ILE A 318 7.85 -1.77 20.32
N GLY A 319 8.94 -1.72 19.58
CA GLY A 319 10.33 -1.75 20.16
C GLY A 319 10.94 -0.38 20.10
N THR A 320 11.69 -0.01 21.14
CA THR A 320 12.29 1.34 21.19
C THR A 320 13.79 1.19 21.37
N LEU A 321 14.54 1.95 20.58
CA LEU A 321 16.03 2.10 20.79
C LEU A 321 16.21 3.58 20.99
N ARG A 322 16.34 3.97 22.26
CA ARG A 322 16.40 5.39 22.64
C ARG A 322 17.60 6.14 22.02
N GLY A 323 17.37 7.33 21.44
CA GLY A 323 18.46 8.14 20.87
C GLY A 323 19.37 8.71 21.95
N ALA A 324 20.66 8.81 21.62
CA ALA A 324 21.65 9.41 22.55
C ALA A 324 21.56 10.92 22.65
N VAL A 325 21.15 11.59 21.57
CA VAL A 325 21.22 13.07 21.55
C VAL A 325 19.83 13.70 21.41
N GLU A 326 19.03 13.11 20.51
CA GLU A 326 17.67 13.60 20.25
C GLU A 326 16.67 12.48 20.47
N PRO A 327 16.49 12.06 21.73
CA PRO A 327 15.54 10.98 22.07
C PRO A 327 14.11 11.33 21.75
N ASP A 328 13.80 12.63 21.64
CA ASP A 328 12.44 13.06 21.29
C ASP A 328 12.27 13.25 19.78
N ARG A 329 13.07 12.54 18.98
CA ARG A 329 12.87 12.54 17.54
C ARG A 329 12.80 11.10 17.15
N TYR A 330 11.75 10.72 16.40
CA TYR A 330 11.52 9.29 16.13
C TYR A 330 11.64 8.94 14.67
N VAL A 331 12.45 7.92 14.40
CA VAL A 331 12.58 7.33 13.05
C VAL A 331 11.94 5.96 13.21
N ILE A 332 10.93 5.65 12.38
CA ILE A 332 10.14 4.44 12.61
C ILE A 332 10.32 3.46 11.47
N LEU A 333 10.62 2.23 11.79
CA LEU A 333 10.67 1.14 10.79
C LEU A 333 9.52 0.21 11.16
N GLY A 334 8.52 0.12 10.28
CA GLY A 334 7.31 -0.65 10.63
C GLY A 334 6.88 -1.53 9.48
N GLY A 335 6.43 -2.75 9.81
CA GLY A 335 5.77 -3.57 8.76
C GLY A 335 4.87 -4.55 9.49
N HIS A 336 3.92 -5.17 8.75
CA HIS A 336 2.98 -6.02 9.47
C HIS A 336 3.43 -7.46 9.59
N ARG A 337 2.72 -8.17 10.49
CA ARG A 337 3.05 -9.54 10.88
C ARG A 337 1.91 -10.48 10.54
N ASP A 338 0.66 -9.98 10.58
CA ASP A 338 -0.50 -10.85 10.25
C ASP A 338 -0.44 -11.23 8.75
N SER A 339 -0.91 -12.44 8.44
CA SER A 339 -0.86 -12.92 7.06
C SER A 339 -2.24 -13.51 6.71
N TRP A 340 -2.54 -13.68 5.44
CA TRP A 340 -3.81 -14.39 5.10
C TRP A 340 -3.67 -15.88 5.42
N VAL A 341 -2.58 -16.49 4.95
CA VAL A 341 -2.25 -17.89 5.30
C VAL A 341 -0.79 -17.95 5.82
N PHE A 342 0.14 -18.52 5.05
CA PHE A 342 1.52 -18.67 5.56
C PHE A 342 2.34 -17.41 5.40
N GLY A 343 1.93 -16.50 4.51
CA GLY A 343 2.66 -15.19 4.36
C GLY A 343 4.12 -15.33 3.92
N GLY A 344 4.41 -16.34 3.10
CA GLY A 344 5.75 -16.57 2.59
C GLY A 344 6.36 -15.32 2.03
N ILE A 345 5.59 -14.57 1.23
CA ILE A 345 6.11 -13.28 0.73
C ILE A 345 5.48 -12.19 1.62
N ASP A 346 4.14 -12.17 1.63
CA ASP A 346 3.40 -11.06 2.27
C ASP A 346 2.82 -11.53 3.63
N PRO A 347 3.39 -11.10 4.78
CA PRO A 347 4.45 -10.07 4.94
C PRO A 347 5.76 -10.64 5.39
N GLN A 348 5.87 -11.97 5.52
CA GLN A 348 7.02 -12.43 6.32
C GLN A 348 8.41 -12.22 5.67
N SER A 349 8.44 -12.05 4.35
CA SER A 349 9.71 -11.71 3.72
C SER A 349 10.12 -10.33 4.15
N GLY A 350 9.16 -9.45 4.47
CA GLY A 350 9.49 -8.15 5.09
C GLY A 350 9.76 -8.26 6.57
N ALA A 351 8.93 -9.01 7.32
CA ALA A 351 9.12 -9.13 8.79
C ALA A 351 10.47 -9.77 9.12
N ALA A 352 10.95 -10.71 8.30
CA ALA A 352 12.27 -11.34 8.54
C ALA A 352 13.39 -10.35 8.37
N VAL A 353 13.20 -9.44 7.42
CA VAL A 353 14.18 -8.37 7.16
C VAL A 353 14.18 -7.40 8.36
N VAL A 354 13.00 -7.02 8.86
CA VAL A 354 12.94 -6.12 10.03
C VAL A 354 13.64 -6.81 11.20
N HIS A 355 13.38 -8.11 11.37
CA HIS A 355 13.94 -8.87 12.51
C HIS A 355 15.48 -8.80 12.48
N GLU A 356 16.03 -9.01 11.29
CA GLU A 356 17.50 -8.98 11.14
C GLU A 356 18.04 -7.57 11.33
N ILE A 357 17.28 -6.55 10.91
CA ILE A 357 17.67 -5.17 11.16
C ILE A 357 17.72 -4.81 12.65
N VAL A 358 16.70 -5.24 13.37
CA VAL A 358 16.67 -5.07 14.83
C VAL A 358 17.90 -5.76 15.42
N ARG A 359 18.15 -7.00 14.99
CA ARG A 359 19.29 -7.77 15.51
C ARG A 359 20.59 -7.01 15.29
N SER A 360 20.78 -6.46 14.07
CA SER A 360 22.03 -5.73 13.78
CA SER A 360 22.01 -5.76 13.77
C SER A 360 22.13 -4.47 14.59
N PHE A 361 21.05 -3.66 14.64
CA PHE A 361 21.12 -2.46 15.51
C PHE A 361 21.41 -2.84 16.96
N GLY A 362 20.85 -3.94 17.44
CA GLY A 362 21.02 -4.36 18.84
C GLY A 362 22.46 -4.84 19.08
N THR A 363 23.09 -5.39 18.06
CA THR A 363 24.51 -5.77 18.19
C THR A 363 25.37 -4.52 18.47
N LEU A 364 25.13 -3.44 17.72
CA LEU A 364 25.89 -2.21 17.93
C LEU A 364 25.59 -1.66 19.32
N LYS A 365 24.31 -1.66 19.69
CA LYS A 365 23.90 -1.16 20.99
C LYS A 365 24.63 -1.92 22.13
N LYS A 366 24.75 -3.25 22.01
CA LYS A 366 25.42 -4.03 23.05
C LYS A 366 26.90 -3.65 23.19
N GLU A 367 27.49 -3.14 22.10
CA GLU A 367 28.87 -2.64 22.13
C GLU A 367 28.98 -1.19 22.59
N GLY A 368 27.86 -0.59 22.94
CA GLY A 368 27.87 0.74 23.55
C GLY A 368 27.42 1.87 22.67
N TRP A 369 26.96 1.53 21.46
CA TRP A 369 26.52 2.54 20.51
C TRP A 369 25.03 2.86 20.76
N ARG A 370 24.66 4.10 20.45
CA ARG A 370 23.24 4.43 20.32
C ARG A 370 23.11 5.35 19.14
N PRO A 371 21.97 5.27 18.44
CA PRO A 371 21.76 6.22 17.36
C PRO A 371 21.53 7.63 17.91
N ARG A 372 21.68 8.63 17.06
CA ARG A 372 21.50 10.01 17.50
C ARG A 372 20.05 10.23 17.95
N ARG A 373 19.14 9.79 17.07
CA ARG A 373 17.69 9.89 17.34
C ARG A 373 17.11 8.54 17.75
N THR A 374 15.91 8.57 18.33
CA THR A 374 15.26 7.34 18.73
C THR A 374 14.78 6.60 17.48
N ILE A 375 14.96 5.28 17.49
CA ILE A 375 14.34 4.43 16.48
C ILE A 375 13.25 3.60 17.10
N LEU A 376 12.06 3.61 16.46
CA LEU A 376 10.94 2.77 16.88
C LEU A 376 10.81 1.69 15.80
N PHE A 377 10.62 0.44 16.26
CA PHE A 377 10.41 -0.71 15.37
C PHE A 377 9.02 -1.24 15.65
N ALA A 378 8.25 -1.50 14.59
CA ALA A 378 6.88 -1.98 14.79
C ALA A 378 6.61 -3.23 13.96
N SER A 379 5.94 -4.18 14.61
CA SER A 379 5.34 -5.37 14.00
C SER A 379 3.82 -5.17 14.08
N TRP A 380 3.24 -4.67 12.99
CA TRP A 380 1.82 -4.28 13.07
C TRP A 380 0.94 -5.51 12.88
N ASP A 381 -0.26 -5.40 13.46
CA ASP A 381 -1.26 -6.47 13.27
C ASP A 381 -2.37 -5.96 12.38
N ALA A 382 -3.14 -6.92 11.87
CA ALA A 382 -4.37 -6.63 11.12
C ALA A 382 -4.16 -5.71 9.93
N GLU A 383 -2.96 -5.72 9.33
CA GLU A 383 -2.80 -4.91 8.09
C GLU A 383 -3.75 -5.44 7.05
N GLU A 384 -3.92 -6.76 6.99
CA GLU A 384 -4.70 -7.35 5.90
C GLU A 384 -6.16 -6.97 5.92
N PHE A 385 -6.60 -6.52 7.12
CA PHE A 385 -7.99 -6.18 7.33
C PHE A 385 -8.27 -4.67 7.22
N GLY A 386 -7.27 -3.92 6.70
CA GLY A 386 -7.46 -2.48 6.45
C GLY A 386 -6.46 -1.59 7.15
N LEU A 387 -5.22 -2.04 7.32
N LEU A 387 -5.24 -2.07 7.30
CA LEU A 387 -4.24 -1.15 7.95
CA LEU A 387 -4.19 -1.28 7.93
C LEU A 387 -4.59 -0.89 9.43
C LEU A 387 -4.67 -0.87 9.36
N LEU A 388 -5.27 -1.84 10.06
CA LEU A 388 -5.92 -1.51 11.35
C LEU A 388 -4.91 -1.29 12.48
N GLY A 389 -3.89 -2.12 12.62
CA GLY A 389 -2.99 -2.03 13.75
C GLY A 389 -2.15 -0.75 13.69
N SER A 390 -1.61 -0.46 12.50
CA SER A 390 -0.79 0.76 12.38
C SER A 390 -1.68 1.97 12.60
N THR A 391 -2.89 1.96 12.01
CA THR A 391 -3.76 3.16 12.12
C THR A 391 -4.22 3.39 13.56
N GLU A 392 -4.61 2.33 14.26
CA GLU A 392 -5.12 2.54 15.65
C GLU A 392 -3.95 3.04 16.51
N TRP A 393 -2.74 2.51 16.35
CA TRP A 393 -1.59 2.97 17.14
C TRP A 393 -1.27 4.42 16.83
N ALA A 394 -1.32 4.79 15.54
CA ALA A 394 -1.05 6.17 15.19
C ALA A 394 -2.14 7.07 15.72
N GLU A 395 -3.41 6.60 15.71
CA GLU A 395 -4.46 7.43 16.33
C GLU A 395 -4.20 7.65 17.81
N GLU A 396 -3.75 6.61 18.48
CA GLU A 396 -3.52 6.72 19.90
C GLU A 396 -2.35 7.73 20.15
N ASN A 397 -1.32 7.66 19.31
CA ASN A 397 -0.08 8.40 19.55
C ASN A 397 0.09 9.59 18.60
N SER A 398 -1.03 10.07 18.04
CA SER A 398 -0.89 11.11 17.00
C SER A 398 -0.15 12.36 17.46
N ARG A 399 -0.33 12.80 18.71
CA ARG A 399 0.32 14.05 19.17
C ARG A 399 1.84 13.84 19.24
N LEU A 400 2.26 12.66 19.70
CA LEU A 400 3.67 12.39 19.79
C LEU A 400 4.25 12.34 18.36
N LEU A 401 3.50 11.70 17.45
CA LEU A 401 4.03 11.48 16.09
C LEU A 401 4.06 12.79 15.34
N GLN A 402 3.07 13.64 15.46
N GLN A 402 3.00 13.59 15.52
CA GLN A 402 3.16 14.83 14.63
CA GLN A 402 2.87 14.94 14.92
C GLN A 402 4.13 15.90 15.16
C GLN A 402 4.12 15.78 15.18
N GLU A 403 4.50 15.82 16.43
CA GLU A 403 5.50 16.79 16.88
C GLU A 403 6.91 16.18 16.92
N ARG A 404 7.02 14.86 16.85
CA ARG A 404 8.33 14.22 17.00
C ARG A 404 8.72 13.33 15.84
N GLY A 405 7.81 13.04 14.90
CA GLY A 405 8.07 12.03 13.89
C GLY A 405 8.95 12.55 12.76
N VAL A 406 10.13 11.97 12.64
CA VAL A 406 11.00 12.34 11.56
C VAL A 406 10.67 11.64 10.25
N ALA A 407 10.50 10.31 10.31
CA ALA A 407 10.29 9.55 9.06
C ALA A 407 9.76 8.21 9.42
N TYR A 408 9.11 7.60 8.43
CA TYR A 408 8.50 6.27 8.61
C TYR A 408 8.99 5.50 7.38
N ILE A 409 9.61 4.34 7.62
CA ILE A 409 10.04 3.42 6.54
C ILE A 409 9.22 2.15 6.67
N ASN A 410 8.47 1.84 5.61
CA ASN A 410 7.62 0.63 5.66
C ASN A 410 8.46 -0.62 5.44
N ALA A 411 7.92 -1.76 5.84
CA ALA A 411 8.67 -3.02 5.65
C ALA A 411 7.70 -4.21 5.45
N ASP A 412 6.84 -4.11 4.44
CA ASP A 412 6.08 -5.32 4.04
C ASP A 412 6.96 -6.12 3.07
N SER A 413 6.33 -6.90 2.19
CA SER A 413 7.06 -7.84 1.28
C SER A 413 8.39 -7.29 0.76
N SER A 414 9.45 -8.05 1.00
CA SER A 414 10.79 -7.62 0.54
C SER A 414 11.00 -7.86 -0.94
N ILE A 415 10.21 -8.77 -1.51
CA ILE A 415 10.39 -9.17 -2.90
C ILE A 415 9.03 -9.34 -3.57
N GLU A 416 8.92 -8.98 -4.84
CA GLU A 416 7.75 -9.39 -5.63
C GLU A 416 8.29 -9.83 -7.00
N GLY A 417 9.61 -10.01 -7.05
CA GLY A 417 10.34 -10.41 -8.28
C GLY A 417 11.83 -10.40 -7.97
N ASN A 418 12.66 -10.67 -8.99
CA ASN A 418 14.10 -10.78 -8.72
C ASN A 418 14.90 -9.98 -9.75
N TYR A 419 14.30 -8.91 -10.26
CA TYR A 419 14.91 -8.20 -11.39
C TYR A 419 15.65 -6.96 -10.95
N THR A 420 14.97 -6.05 -10.22
CA THR A 420 15.68 -4.84 -9.79
C THR A 420 14.97 -4.21 -8.58
N LEU A 421 15.51 -3.09 -8.14
CA LEU A 421 14.92 -2.40 -6.96
C LEU A 421 13.66 -1.61 -7.36
N ARG A 422 12.76 -1.46 -6.40
CA ARG A 422 11.55 -0.62 -6.53
CA ARG A 422 11.59 -0.60 -6.53
C ARG A 422 11.57 0.26 -5.28
N VAL A 423 11.54 1.58 -5.46
CA VAL A 423 11.39 2.49 -4.31
C VAL A 423 10.22 3.42 -4.59
N ASP A 424 9.34 3.62 -3.60
CA ASP A 424 8.28 4.65 -3.65
C ASP A 424 8.51 5.48 -2.38
N CYS A 425 8.58 6.79 -2.50
CA CYS A 425 8.79 7.59 -1.32
C CYS A 425 8.51 9.05 -1.57
N THR A 426 8.48 9.80 -0.49
CA THR A 426 8.44 11.24 -0.61
C THR A 426 9.66 11.80 -1.35
N PRO A 427 9.48 12.89 -2.11
CA PRO A 427 10.64 13.57 -2.72
C PRO A 427 11.72 13.89 -1.70
N LEU A 428 11.32 14.14 -0.43
CA LEU A 428 12.37 14.50 0.55
C LEU A 428 13.43 13.40 0.75
N MET A 429 13.13 12.15 0.39
CA MET A 429 14.10 11.05 0.50
C MET A 429 14.82 10.68 -0.79
N TYR A 430 14.55 11.38 -1.92
CA TYR A 430 15.17 10.93 -3.19
C TYR A 430 16.70 10.92 -3.08
N SER A 431 17.25 12.02 -2.53
CA SER A 431 18.73 12.17 -2.52
C SER A 431 19.33 11.16 -1.56
N LEU A 432 18.68 10.96 -0.42
CA LEU A 432 19.12 9.93 0.52
C LEU A 432 19.20 8.54 -0.20
N VAL A 433 18.17 8.24 -0.96
CA VAL A 433 18.10 6.93 -1.64
C VAL A 433 19.20 6.84 -2.70
N HIS A 434 19.36 7.90 -3.49
CA HIS A 434 20.43 7.84 -4.54
C HIS A 434 21.76 7.60 -3.86
N ASN A 435 22.03 8.38 -2.83
CA ASN A 435 23.33 8.29 -2.15
C ASN A 435 23.55 6.94 -1.52
N LEU A 436 22.54 6.40 -0.86
CA LEU A 436 22.69 5.12 -0.20
C LEU A 436 22.96 4.02 -1.18
N THR A 437 22.18 4.00 -2.26
CA THR A 437 22.31 2.90 -3.25
C THR A 437 23.63 2.95 -4.03
N LYS A 438 24.27 4.12 -4.07
CA LYS A 438 25.61 4.21 -4.70
C LYS A 438 26.65 3.54 -3.82
N GLU A 439 26.35 3.35 -2.55
CA GLU A 439 27.28 2.73 -1.60
C GLU A 439 27.02 1.27 -1.35
N LEU A 440 25.93 0.75 -1.90
CA LEU A 440 25.61 -0.65 -1.73
C LEU A 440 26.01 -1.47 -2.95
N LYS A 441 26.31 -2.75 -2.74
CA LYS A 441 26.69 -3.66 -3.82
C LYS A 441 25.46 -4.18 -4.57
N SER A 442 25.52 -4.23 -5.90
CA SER A 442 24.41 -4.85 -6.62
C SER A 442 24.42 -6.36 -6.42
N PRO A 443 23.24 -6.96 -6.19
CA PRO A 443 23.20 -8.41 -6.06
C PRO A 443 22.94 -9.07 -7.41
N ASP A 444 22.84 -8.27 -8.48
CA ASP A 444 22.30 -8.78 -9.75
C ASP A 444 23.42 -9.51 -10.53
N GLU A 445 23.05 -10.62 -11.16
CA GLU A 445 23.96 -11.27 -12.13
C GLU A 445 24.35 -10.28 -13.23
N GLY A 446 25.65 -10.22 -13.55
CA GLY A 446 26.08 -9.30 -14.58
C GLY A 446 26.55 -7.99 -14.01
N PHE A 447 26.19 -7.72 -12.77
CA PHE A 447 26.59 -6.47 -12.14
C PHE A 447 27.51 -6.70 -10.95
N GLU A 448 28.22 -7.82 -10.95
CA GLU A 448 29.16 -8.13 -9.89
C GLU A 448 30.19 -7.02 -9.80
N GLY A 449 30.39 -6.50 -8.60
CA GLY A 449 31.33 -5.43 -8.39
C GLY A 449 30.81 -4.03 -8.68
N LYS A 450 29.57 -3.91 -9.13
CA LYS A 450 29.00 -2.62 -9.43
C LYS A 450 28.04 -2.25 -8.28
N SER A 451 27.69 -0.97 -8.20
CA SER A 451 26.74 -0.49 -7.16
C SER A 451 25.33 -0.89 -7.51
N LEU A 452 24.50 -0.92 -6.48
CA LEU A 452 23.06 -1.14 -6.65
C LEU A 452 22.50 0.04 -7.45
N TYR A 453 23.01 1.26 -7.20
CA TYR A 453 22.57 2.39 -7.98
C TYR A 453 22.77 2.14 -9.48
N GLU A 454 23.93 1.62 -9.84
CA GLU A 454 24.22 1.37 -11.24
C GLU A 454 23.26 0.32 -11.86
N SER A 455 23.01 -0.79 -11.15
CA SER A 455 22.15 -1.86 -11.71
C SER A 455 20.71 -1.37 -11.79
N TRP A 456 20.28 -0.71 -10.73
CA TRP A 456 18.94 -0.19 -10.65
C TRP A 456 18.66 0.86 -11.74
N THR A 457 19.59 1.80 -11.91
CA THR A 457 19.41 2.84 -12.89
C THR A 457 19.41 2.25 -14.33
N LYS A 458 20.24 1.25 -14.56
CA LYS A 458 20.27 0.65 -15.88
C LYS A 458 18.95 -0.08 -16.18
N LYS A 459 18.46 -0.85 -15.21
CA LYS A 459 17.22 -1.65 -15.37
C LYS A 459 15.91 -0.86 -15.27
N SER A 460 15.94 0.23 -14.51
CA SER A 460 14.74 1.01 -14.25
C SER A 460 15.01 2.51 -14.35
N PRO A 461 15.29 2.99 -15.58
CA PRO A 461 15.67 4.40 -15.71
C PRO A 461 14.52 5.32 -15.39
N SER A 462 14.86 6.44 -14.81
CA SER A 462 13.90 7.51 -14.59
C SER A 462 13.29 7.95 -15.92
N PRO A 463 11.97 8.16 -15.95
CA PRO A 463 11.36 8.71 -17.15
C PRO A 463 11.77 10.16 -17.40
N GLU A 464 12.15 10.89 -16.35
CA GLU A 464 12.48 12.31 -16.53
C GLU A 464 13.97 12.59 -16.72
N PHE A 465 14.84 11.77 -16.14
CA PHE A 465 16.25 12.16 -16.04
C PHE A 465 17.21 11.08 -16.43
N SER A 466 18.12 11.43 -17.32
CA SER A 466 19.13 10.49 -17.77
C SER A 466 20.09 10.20 -16.62
N GLY A 467 20.37 8.91 -16.41
CA GLY A 467 21.44 8.53 -15.49
C GLY A 467 20.95 8.45 -14.06
N MET A 468 19.63 8.55 -13.90
N MET A 468 19.62 8.57 -13.91
CA MET A 468 18.98 8.34 -12.60
CA MET A 468 18.90 8.46 -12.61
C MET A 468 17.91 7.27 -12.68
C MET A 468 17.91 7.28 -12.68
N PRO A 469 17.63 6.64 -11.53
CA PRO A 469 16.64 5.56 -11.49
C PRO A 469 15.23 6.08 -11.22
N ARG A 470 14.24 5.25 -11.54
CA ARG A 470 12.85 5.62 -11.28
C ARG A 470 12.56 5.53 -9.80
N ILE A 471 11.98 6.57 -9.24
CA ILE A 471 11.42 6.46 -7.87
C ILE A 471 10.00 6.99 -7.97
N SER A 472 9.04 6.21 -7.51
CA SER A 472 7.62 6.52 -7.67
C SER A 472 7.09 7.23 -6.42
N LYS A 473 5.96 7.88 -6.62
CA LYS A 473 5.16 8.46 -5.52
CA LYS A 473 5.26 8.48 -5.48
C LYS A 473 4.67 7.31 -4.67
N LEU A 474 4.35 7.58 -3.42
CA LEU A 474 3.67 6.58 -2.60
C LEU A 474 2.22 6.56 -3.01
N GLY A 475 1.66 5.33 -3.08
CA GLY A 475 0.25 5.14 -3.23
C GLY A 475 -0.35 4.82 -1.88
N SER A 476 -1.14 3.74 -1.80
CA SER A 476 -1.59 3.27 -0.51
C SER A 476 -1.80 1.76 -0.54
N GLY A 477 -2.64 1.26 0.39
CA GLY A 477 -2.78 -0.17 0.56
C GLY A 477 -1.62 -0.76 1.37
N ASN A 478 -0.97 0.05 2.22
CA ASN A 478 0.00 -0.50 3.19
C ASN A 478 0.13 0.43 4.36
N ASP A 479 0.94 0.04 5.35
CA ASP A 479 0.85 0.63 6.71
C ASP A 479 1.44 2.03 6.83
N PHE A 480 2.07 2.52 5.77
CA PHE A 480 2.52 3.92 5.82
C PHE A 480 1.40 4.94 5.67
N GLU A 481 0.20 4.49 5.28
CA GLU A 481 -0.90 5.43 4.92
C GLU A 481 -1.18 6.41 6.06
N VAL A 482 -1.32 5.91 7.30
CA VAL A 482 -1.66 6.86 8.39
C VAL A 482 -0.51 7.87 8.58
N PHE A 483 0.74 7.38 8.50
CA PHE A 483 1.88 8.24 8.77
C PHE A 483 2.03 9.30 7.71
N PHE A 484 1.82 8.93 6.45
CA PHE A 484 2.13 9.87 5.36
C PHE A 484 0.88 10.72 5.04
N GLN A 485 -0.19 10.08 4.56
CA GLN A 485 -1.34 10.91 4.11
C GLN A 485 -2.20 11.47 5.25
N ARG A 486 -2.21 10.83 6.43
CA ARG A 486 -2.96 11.49 7.52
C ARG A 486 -2.07 12.44 8.29
N LEU A 487 -0.93 11.96 8.78
CA LEU A 487 -0.12 12.77 9.67
C LEU A 487 0.99 13.60 9.02
N GLY A 488 1.35 13.34 7.76
CA GLY A 488 2.38 14.18 7.12
C GLY A 488 3.77 13.92 7.65
N ILE A 489 4.11 12.65 7.87
CA ILE A 489 5.49 12.27 8.26
C ILE A 489 6.13 11.68 6.99
N ALA A 490 7.32 12.21 6.66
CA ALA A 490 8.06 11.77 5.47
C ALA A 490 8.13 10.25 5.49
N SER A 491 7.72 9.59 4.39
CA SER A 491 7.65 8.12 4.41
C SER A 491 8.28 7.53 3.12
N GLY A 492 8.70 6.27 3.23
CA GLY A 492 9.25 5.55 2.05
C GLY A 492 9.11 4.04 2.17
N ARG A 493 9.33 3.36 1.05
CA ARG A 493 9.28 1.88 1.05
C ARG A 493 10.17 1.43 -0.11
N ALA A 494 10.68 0.19 0.01
CA ALA A 494 11.60 -0.35 -1.03
C ALA A 494 11.53 -1.87 -1.01
N ARG A 495 11.65 -2.45 -2.20
CA ARG A 495 11.63 -3.91 -2.29
C ARG A 495 12.23 -4.28 -3.63
N TYR A 496 12.53 -5.56 -3.79
CA TYR A 496 12.91 -6.06 -5.11
C TYR A 496 11.67 -6.40 -5.93
N THR A 497 11.74 -6.14 -7.23
CA THR A 497 10.58 -6.27 -8.09
C THR A 497 10.92 -6.98 -9.41
N LYS A 498 9.88 -7.22 -10.23
CA LYS A 498 10.01 -7.89 -11.53
C LYS A 498 10.36 -6.87 -12.60
N ASN A 499 10.59 -7.36 -13.80
CA ASN A 499 10.80 -6.51 -14.96
C ASN A 499 9.43 -6.13 -15.48
N TRP A 500 9.08 -4.87 -15.31
CA TRP A 500 7.75 -4.39 -15.67
C TRP A 500 7.53 -4.44 -17.19
N GLU A 501 8.61 -4.40 -17.96
CA GLU A 501 8.56 -4.38 -19.42
C GLU A 501 8.08 -5.72 -19.97
N THR A 502 8.66 -6.78 -19.45
CA THR A 502 8.43 -8.10 -20.00
C THR A 502 7.32 -8.85 -19.27
N ASN A 503 6.87 -8.28 -18.14
CA ASN A 503 5.86 -8.92 -17.30
C ASN A 503 4.57 -8.13 -17.21
N LYS A 504 3.51 -8.68 -17.82
CA LYS A 504 2.20 -8.05 -17.92
C LYS A 504 1.22 -8.41 -16.76
N PHE A 505 1.61 -9.38 -15.94
CA PHE A 505 0.80 -9.75 -14.78
C PHE A 505 0.82 -8.69 -13.66
N SER A 506 -0.14 -8.79 -12.74
CA SER A 506 -0.26 -7.83 -11.61
C SER A 506 0.42 -8.36 -10.34
N GLY A 507 1.16 -7.50 -9.65
CA GLY A 507 1.93 -7.88 -8.46
C GLY A 507 2.71 -9.18 -8.71
N TYR A 508 2.62 -10.15 -7.80
CA TYR A 508 3.14 -11.49 -8.09
C TYR A 508 1.96 -12.49 -8.11
N PRO A 509 2.09 -13.55 -8.91
CA PRO A 509 0.91 -14.40 -9.13
C PRO A 509 0.28 -15.06 -7.91
N LEU A 510 1.09 -15.44 -6.93
CA LEU A 510 0.57 -16.24 -5.79
C LEU A 510 0.11 -15.35 -4.65
N TYR A 511 0.08 -14.06 -4.92
CA TYR A 511 -0.42 -13.08 -3.91
C TYR A 511 -1.70 -13.48 -3.18
N HIS A 512 -1.61 -13.59 -1.84
CA HIS A 512 -2.75 -13.83 -0.91
C HIS A 512 -3.41 -15.22 -1.10
N SER A 513 -2.63 -16.11 -1.71
CA SER A 513 -3.09 -17.54 -1.85
C SER A 513 -2.40 -18.43 -0.82
N VAL A 514 -2.91 -19.64 -0.65
CA VAL A 514 -2.29 -20.61 0.28
C VAL A 514 -0.88 -21.01 -0.26
N TYR A 515 -0.61 -20.74 -1.55
CA TYR A 515 0.66 -21.20 -2.19
C TYR A 515 1.83 -20.29 -1.85
N GLU A 516 1.56 -19.14 -1.21
CA GLU A 516 2.63 -18.21 -0.83
C GLU A 516 3.33 -18.73 0.41
N THR A 517 4.38 -19.56 0.22
CA THR A 517 5.01 -20.29 1.28
C THR A 517 6.51 -19.99 1.34
N TYR A 518 7.17 -20.48 2.39
CA TYR A 518 8.61 -20.42 2.47
C TYR A 518 9.23 -21.07 1.20
N GLU A 519 8.67 -22.19 0.78
CA GLU A 519 9.26 -22.86 -0.40
C GLU A 519 9.17 -22.03 -1.66
N LEU A 520 8.09 -21.26 -1.80
CA LEU A 520 7.99 -20.42 -2.98
C LEU A 520 9.20 -19.49 -3.05
N VAL A 521 9.51 -18.87 -1.91
CA VAL A 521 10.59 -17.90 -1.85
C VAL A 521 11.96 -18.59 -2.05
N GLU A 522 12.21 -19.64 -1.29
CA GLU A 522 13.50 -20.34 -1.29
C GLU A 522 13.78 -21.01 -2.64
N LYS A 523 12.74 -21.54 -3.28
CA LYS A 523 12.97 -22.27 -4.53
C LYS A 523 12.97 -21.35 -5.76
N PHE A 524 12.09 -20.35 -5.77
CA PHE A 524 11.81 -19.65 -7.01
C PHE A 524 12.18 -18.19 -6.98
N TYR A 525 12.12 -17.52 -5.82
CA TYR A 525 12.43 -16.10 -5.86
C TYR A 525 13.85 -15.74 -5.47
N ASP A 526 14.38 -16.32 -4.39
CA ASP A 526 15.65 -15.81 -3.85
C ASP A 526 16.40 -16.88 -3.05
N PRO A 527 16.86 -17.95 -3.76
CA PRO A 527 17.41 -19.08 -3.03
C PRO A 527 18.59 -18.70 -2.15
N MET A 528 19.37 -17.70 -2.55
N MET A 528 19.34 -17.69 -2.59
CA MET A 528 20.55 -17.31 -1.74
CA MET A 528 20.55 -17.22 -1.89
C MET A 528 20.19 -16.24 -0.70
C MET A 528 20.25 -16.10 -0.92
N PHE A 529 18.99 -15.71 -0.82
CA PHE A 529 18.58 -14.61 0.09
C PHE A 529 19.38 -13.35 -0.12
N LYS A 530 20.01 -13.24 -1.29
CA LYS A 530 20.76 -12.04 -1.62
C LYS A 530 19.87 -10.82 -1.91
N TYR A 531 18.69 -11.02 -2.51
CA TYR A 531 17.81 -9.88 -2.77
C TYR A 531 17.21 -9.43 -1.44
N HIS A 532 16.83 -10.37 -0.59
CA HIS A 532 16.43 -9.99 0.79
C HIS A 532 17.51 -9.19 1.51
N LEU A 533 18.74 -9.64 1.42
CA LEU A 533 19.81 -8.92 2.09
C LEU A 533 19.97 -7.50 1.53
N THR A 534 19.88 -7.36 0.21
CA THR A 534 19.95 -6.05 -0.45
C THR A 534 18.81 -5.14 0.07
N VAL A 535 17.62 -5.70 0.13
CA VAL A 535 16.48 -4.92 0.67
C VAL A 535 16.70 -4.56 2.15
N ALA A 536 17.29 -5.47 2.93
CA ALA A 536 17.61 -5.14 4.32
C ALA A 536 18.60 -3.99 4.41
N GLN A 537 19.59 -4.02 3.52
CA GLN A 537 20.54 -2.90 3.45
C GLN A 537 19.90 -1.55 3.07
N VAL A 538 18.95 -1.59 2.15
CA VAL A 538 18.32 -0.33 1.71
C VAL A 538 17.44 0.14 2.87
N ARG A 539 16.53 -0.73 3.35
CA ARG A 539 15.60 -0.25 4.43
C ARG A 539 16.38 0.16 5.69
N GLY A 540 17.31 -0.70 6.09
CA GLY A 540 18.11 -0.46 7.30
C GLY A 540 19.04 0.74 7.17
N GLY A 541 19.64 0.89 5.99
CA GLY A 541 20.54 1.99 5.70
C GLY A 541 19.75 3.29 5.77
N MET A 542 18.53 3.30 5.20
CA MET A 542 17.72 4.52 5.25
C MET A 542 17.44 4.86 6.71
N VAL A 543 17.03 3.86 7.51
CA VAL A 543 16.76 4.10 8.94
C VAL A 543 18.03 4.63 9.62
N PHE A 544 19.16 3.98 9.35
CA PHE A 544 20.41 4.41 9.95
C PHE A 544 20.71 5.86 9.69
N GLU A 545 20.65 6.28 8.44
N GLU A 545 20.63 6.28 8.43
CA GLU A 545 20.96 7.67 8.08
CA GLU A 545 20.98 7.66 8.07
C GLU A 545 19.96 8.61 8.75
C GLU A 545 19.95 8.69 8.56
N LEU A 546 18.68 8.29 8.61
CA LEU A 546 17.63 9.16 9.18
C LEU A 546 17.83 9.34 10.69
N ALA A 547 18.23 8.27 11.37
CA ALA A 547 18.37 8.30 12.83
C ALA A 547 19.75 8.85 13.30
N ASN A 548 20.77 8.81 12.45
N ASN A 548 20.73 8.91 12.39
CA ASN A 548 22.12 9.17 12.93
CA ASN A 548 22.13 9.26 12.75
C ASN A 548 22.71 10.45 12.36
C ASN A 548 22.83 10.39 12.00
N SER A 549 22.31 10.80 11.13
N SER A 549 22.28 10.88 10.90
CA SER A 549 22.86 11.99 10.45
CA SER A 549 22.92 12.02 10.24
C SER A 549 22.68 13.21 11.33
C SER A 549 22.66 13.31 11.00
N ILE A 550 23.72 14.05 11.33
CA ILE A 550 23.61 15.29 12.11
CA ILE A 550 23.57 15.26 12.14
C ILE A 550 22.50 16.21 11.58
N VAL A 551 22.58 16.46 10.28
CA VAL A 551 21.50 17.19 9.57
C VAL A 551 20.59 16.11 8.96
N GLN A 552 19.28 16.24 9.17
CA GLN A 552 18.38 15.25 8.55
C GLN A 552 18.63 15.14 7.05
N PRO A 553 18.59 13.90 6.52
CA PRO A 553 19.00 13.69 5.11
C PRO A 553 17.81 13.88 4.15
N PHE A 554 17.21 15.08 4.20
CA PHE A 554 16.11 15.45 3.30
C PHE A 554 16.58 16.61 2.43
N ASP A 555 16.23 16.59 1.16
CA ASP A 555 16.55 17.71 0.27
C ASP A 555 15.26 18.38 -0.21
N CYS A 556 14.93 19.53 0.41
CA CYS A 556 13.69 20.23 0.02
C CYS A 556 13.65 20.61 -1.45
N ARG A 557 14.80 20.78 -2.08
CA ARG A 557 14.81 21.14 -3.50
C ARG A 557 14.16 20.05 -4.39
N ASP A 558 14.23 18.81 -3.94
CA ASP A 558 13.65 17.73 -4.76
C ASP A 558 12.12 17.86 -4.70
N TYR A 559 11.59 18.40 -3.60
CA TYR A 559 10.14 18.61 -3.60
C TYR A 559 9.78 19.69 -4.59
N ALA A 560 10.65 20.72 -4.72
CA ALA A 560 10.31 21.81 -5.65
C ALA A 560 10.23 21.29 -7.11
N VAL A 561 11.17 20.42 -7.48
CA VAL A 561 11.18 19.86 -8.81
C VAL A 561 9.88 19.06 -9.08
N VAL A 562 9.46 18.20 -8.14
CA VAL A 562 8.26 17.41 -8.42
C VAL A 562 7.01 18.27 -8.40
N LEU A 563 6.96 19.28 -7.53
CA LEU A 563 5.75 20.12 -7.47
C LEU A 563 5.52 20.77 -8.82
N ARG A 564 6.60 21.17 -9.52
CA ARG A 564 6.42 21.77 -10.84
C ARG A 564 5.92 20.75 -11.86
N LYS A 565 6.47 19.53 -11.83
CA LYS A 565 5.98 18.44 -12.64
C LYS A 565 4.48 18.22 -12.39
N TYR A 566 4.07 18.15 -11.11
CA TYR A 566 2.64 17.89 -10.83
C TYR A 566 1.77 19.07 -11.24
N ALA A 567 2.26 20.29 -11.08
CA ALA A 567 1.47 21.46 -11.51
C ALA A 567 1.29 21.42 -13.03
N ASP A 568 2.39 21.15 -13.76
CA ASP A 568 2.27 21.00 -15.25
C ASP A 568 1.21 19.92 -15.61
N LYS A 569 1.22 18.82 -14.86
CA LYS A 569 0.33 17.71 -15.17
CA LYS A 569 0.34 17.71 -15.16
C LYS A 569 -1.12 18.12 -14.95
N ILE A 570 -1.42 18.74 -13.80
CA ILE A 570 -2.83 19.04 -13.53
C ILE A 570 -3.32 20.18 -14.46
N TYR A 571 -2.44 21.14 -14.76
CA TYR A 571 -2.78 22.18 -15.71
C TYR A 571 -3.13 21.54 -17.09
N SER A 572 -2.33 20.55 -17.49
CA SER A 572 -2.58 19.90 -18.79
C SER A 572 -3.92 19.19 -18.80
N ILE A 573 -4.34 18.62 -17.66
CA ILE A 573 -5.62 17.98 -17.62
C ILE A 573 -6.72 19.03 -17.83
N SER A 574 -6.57 20.16 -17.15
CA SER A 574 -7.60 21.19 -17.20
C SER A 574 -7.72 21.76 -18.61
N MET A 575 -6.57 21.87 -19.26
CA MET A 575 -6.48 22.53 -20.60
C MET A 575 -7.10 21.69 -21.72
N LYS A 576 -7.58 20.49 -21.41
CA LYS A 576 -8.45 19.73 -22.31
C LYS A 576 -9.83 20.40 -22.44
N HIS A 577 -10.13 21.37 -21.57
CA HIS A 577 -11.44 22.08 -21.52
C HIS A 577 -11.25 23.60 -21.66
N PRO A 578 -10.64 24.06 -22.80
CA PRO A 578 -10.30 25.48 -22.91
C PRO A 578 -11.48 26.40 -22.88
N GLN A 579 -12.62 26.01 -23.47
CA GLN A 579 -13.82 26.85 -23.43
CA GLN A 579 -13.81 26.87 -23.42
C GLN A 579 -14.28 27.10 -22.00
N GLU A 580 -14.33 26.03 -21.20
CA GLU A 580 -14.77 26.21 -19.83
C GLU A 580 -13.81 27.04 -19.00
N MET A 581 -12.50 26.89 -19.26
CA MET A 581 -11.53 27.69 -18.50
C MET A 581 -11.74 29.18 -18.82
N LYS A 582 -12.11 29.46 -20.09
CA LYS A 582 -12.41 30.85 -20.49
C LYS A 582 -13.69 31.34 -19.81
N THR A 583 -14.76 30.55 -19.93
CA THR A 583 -16.06 30.91 -19.35
C THR A 583 -16.02 31.18 -17.88
N TYR A 584 -15.33 30.30 -17.15
CA TYR A 584 -15.33 30.40 -15.70
C TYR A 584 -14.07 31.00 -15.12
N SER A 585 -13.19 31.52 -16.00
CA SER A 585 -12.00 32.24 -15.54
C SER A 585 -11.14 31.36 -14.64
N VAL A 586 -10.86 30.17 -15.14
CA VAL A 586 -10.13 29.16 -14.35
C VAL A 586 -8.63 29.39 -14.61
N SER A 587 -7.93 29.91 -13.61
CA SER A 587 -6.47 30.13 -13.78
C SER A 587 -5.64 29.31 -12.82
N PHE A 588 -4.54 28.77 -13.34
CA PHE A 588 -3.53 28.10 -12.51
C PHE A 588 -2.41 29.03 -12.07
N ASP A 589 -2.54 30.34 -12.36
CA ASP A 589 -1.43 31.24 -12.07
C ASP A 589 -0.99 31.20 -10.61
N SER A 590 -1.96 31.11 -9.71
CA SER A 590 -1.60 31.09 -8.29
C SER A 590 -0.82 29.84 -7.94
N LEU A 591 -1.18 28.70 -8.53
CA LEU A 591 -0.44 27.47 -8.21
C LEU A 591 0.99 27.51 -8.76
N PHE A 592 1.17 27.98 -10.01
CA PHE A 592 2.54 28.11 -10.50
C PHE A 592 3.37 29.12 -9.71
N SER A 593 2.73 30.21 -9.28
CA SER A 593 3.39 31.22 -8.45
C SER A 593 3.88 30.62 -7.14
N ALA A 594 3.02 29.82 -6.54
CA ALA A 594 3.39 29.16 -5.27
C ALA A 594 4.58 28.22 -5.47
N VAL A 595 4.54 27.49 -6.58
CA VAL A 595 5.60 26.51 -6.88
C VAL A 595 6.92 27.25 -7.14
N LYS A 596 6.84 28.36 -7.89
CA LYS A 596 8.02 29.18 -8.12
C LYS A 596 8.59 29.71 -6.82
N ASN A 597 7.73 30.20 -5.93
CA ASN A 597 8.15 30.66 -4.62
C ASN A 597 8.78 29.55 -3.79
N PHE A 598 8.18 28.37 -3.83
CA PHE A 598 8.73 27.25 -3.10
C PHE A 598 10.13 26.93 -3.59
N THR A 599 10.29 26.98 -4.92
CA THR A 599 11.59 26.65 -5.56
C THR A 599 12.65 27.66 -5.09
N GLU A 600 12.27 28.94 -5.08
CA GLU A 600 13.23 29.99 -4.65
C GLU A 600 13.58 29.91 -3.15
N ILE A 601 12.55 29.71 -2.32
CA ILE A 601 12.78 29.64 -0.90
C ILE A 601 13.55 28.39 -0.52
N ALA A 602 13.25 27.26 -1.18
CA ALA A 602 13.96 26.01 -0.88
C ALA A 602 15.44 26.19 -1.28
N SER A 603 15.69 26.86 -2.40
CA SER A 603 17.10 27.08 -2.81
C SER A 603 17.87 27.89 -1.75
N LYS A 604 17.24 28.94 -1.24
CA LYS A 604 17.89 29.75 -0.21
CA LYS A 604 17.88 29.76 -0.21
C LYS A 604 18.07 28.99 1.10
N PHE A 605 17.05 28.18 1.49
CA PHE A 605 17.19 27.37 2.66
C PHE A 605 18.34 26.40 2.54
N SER A 606 18.49 25.81 1.36
CA SER A 606 19.58 24.87 1.12
C SER A 606 20.96 25.52 1.31
N GLU A 607 21.08 26.77 0.85
CA GLU A 607 22.33 27.55 1.02
C GLU A 607 22.63 27.71 2.52
N ARG A 608 21.62 28.13 3.29
CA ARG A 608 21.81 28.31 4.72
C ARG A 608 22.16 27.02 5.39
N LEU A 609 21.56 25.92 4.93
CA LEU A 609 21.77 24.64 5.55
C LEU A 609 23.22 24.21 5.34
N GLN A 610 23.77 24.59 4.20
CA GLN A 610 25.10 24.14 3.89
C GLN A 610 26.12 25.03 4.53
N ASP A 611 25.74 26.31 4.70
CA ASP A 611 26.55 27.44 5.18
C ASP A 611 26.46 27.74 6.68
N PHE A 612 25.53 27.11 7.39
CA PHE A 612 25.30 27.59 8.73
C PHE A 612 26.36 27.20 9.72
N SER A 615 28.88 24.94 14.44
N SER A 615 27.77 22.52 15.69
CA SER A 615 28.95 24.66 15.87
CA SER A 615 28.12 22.26 17.11
C SER A 615 27.68 25.00 16.67
C SER A 615 27.36 23.24 18.00
N ASN A 616 26.64 25.55 16.03
N ASN A 616 26.47 24.04 17.41
CA ASN A 616 25.44 26.02 16.74
CA ASN A 616 25.59 24.89 18.18
C ASN A 616 24.32 24.98 16.69
C ASN A 616 24.24 24.15 18.34
N PRO A 617 24.08 24.28 17.81
N PRO A 617 24.05 23.46 19.47
CA PRO A 617 23.14 23.16 17.77
CA PRO A 617 22.83 22.63 19.67
C PRO A 617 21.70 23.67 17.70
C PRO A 617 21.47 23.21 19.27
N ILE A 618 21.48 24.93 18.10
N ILE A 618 21.16 24.44 19.66
CA ILE A 618 20.14 25.50 18.05
CA ILE A 618 19.83 24.99 19.33
C ILE A 618 19.79 25.86 16.61
C ILE A 618 19.73 25.41 17.88
N VAL A 619 20.72 26.47 15.90
N VAL A 619 20.80 25.94 17.32
CA VAL A 619 20.47 26.72 14.47
CA VAL A 619 20.75 26.31 15.91
C VAL A 619 20.30 25.40 13.71
C VAL A 619 20.51 25.05 15.07
N LEU A 620 21.13 24.40 14.07
N LEU A 620 21.21 23.97 15.42
CA LEU A 620 21.04 23.04 13.52
CA LEU A 620 21.04 22.71 14.71
C LEU A 620 19.63 22.47 13.75
C LEU A 620 19.61 22.22 14.89
N ARG A 621 19.17 22.50 15.00
N ARG A 621 19.09 22.39 16.09
CA ARG A 621 17.92 21.84 15.38
CA ARG A 621 17.70 22.00 16.31
C ARG A 621 16.80 22.67 14.85
C ARG A 621 16.65 22.70 15.40
N MET A 622 16.86 24.00 15.07
CA MET A 622 15.95 24.84 14.26
C MET A 622 15.88 24.38 12.81
N MET A 623 17.03 24.17 12.16
CA MET A 623 17.00 23.77 10.77
C MET A 623 16.49 22.33 10.60
N ASN A 624 16.85 21.45 11.53
CA ASN A 624 16.33 20.04 11.48
C ASN A 624 14.81 20.08 11.66
N ASP A 625 14.32 20.96 12.54
CA ASP A 625 12.85 21.03 12.67
C ASP A 625 12.20 21.56 11.40
N GLN A 626 12.83 22.53 10.71
CA GLN A 626 12.28 23.02 9.45
C GLN A 626 12.24 21.84 8.45
N LEU A 627 13.30 21.03 8.44
CA LEU A 627 13.31 19.83 7.56
C LEU A 627 12.22 18.81 7.93
N MET A 628 12.05 18.61 9.24
CA MET A 628 11.10 17.58 9.72
C MET A 628 9.65 18.03 9.48
N PHE A 629 9.42 19.32 9.71
CA PHE A 629 8.04 19.85 9.57
C PHE A 629 7.67 20.19 8.14
N LEU A 630 8.59 20.02 7.17
CA LEU A 630 8.26 20.36 5.80
C LEU A 630 7.20 19.39 5.24
N GLU A 631 7.39 18.08 5.38
CA GLU A 631 6.30 17.16 4.97
C GLU A 631 5.00 17.52 5.74
N ARG A 632 5.15 17.91 7.01
CA ARG A 632 4.00 18.21 7.83
C ARG A 632 3.18 19.37 7.27
N ALA A 633 3.89 20.30 6.61
CA ALA A 633 3.24 21.50 6.16
C ALA A 633 2.27 21.23 5.02
N PHE A 634 2.38 20.06 4.35
CA PHE A 634 1.43 19.78 3.26
C PHE A 634 0.11 19.25 3.76
N ILE A 635 -0.02 19.07 5.07
CA ILE A 635 -1.29 18.59 5.62
C ILE A 635 -2.31 19.74 5.73
N ASP A 636 -3.55 19.48 5.33
CA ASP A 636 -4.67 20.39 5.55
C ASP A 636 -5.56 19.80 6.63
N PRO A 637 -5.73 20.52 7.74
CA PRO A 637 -6.43 19.89 8.82
C PRO A 637 -7.90 19.62 8.42
N LEU A 638 -8.39 20.24 7.36
CA LEU A 638 -9.80 19.96 6.98
C LEU A 638 -9.96 18.72 6.08
N GLY A 639 -8.83 18.15 5.63
CA GLY A 639 -8.86 16.95 4.83
C GLY A 639 -9.30 17.24 3.39
N LEU A 640 -9.33 16.21 2.54
CA LEU A 640 -9.84 16.38 1.19
C LEU A 640 -11.32 16.10 1.20
N PRO A 641 -12.05 16.53 0.17
CA PRO A 641 -13.50 16.38 0.15
C PRO A 641 -14.03 14.97 0.42
N ASP A 642 -14.82 14.83 1.48
CA ASP A 642 -15.42 13.57 1.89
C ASP A 642 -14.43 12.49 2.28
N ARG A 643 -13.15 12.90 2.44
CA ARG A 643 -12.10 11.93 2.87
C ARG A 643 -11.25 12.63 3.94
N PRO A 644 -11.80 12.78 5.14
CA PRO A 644 -11.18 13.61 6.17
C PRO A 644 -9.84 13.07 6.64
N PHE A 645 -9.58 11.77 6.42
CA PHE A 645 -8.26 11.19 6.86
C PHE A 645 -7.19 11.20 5.77
N TYR A 646 -7.53 11.72 4.59
CA TYR A 646 -6.53 12.01 3.59
C TYR A 646 -6.35 13.51 3.62
N ARG A 647 -5.29 13.92 4.30
CA ARG A 647 -5.08 15.33 4.61
CA ARG A 647 -5.07 15.33 4.65
C ARG A 647 -3.91 15.96 3.85
N HIS A 648 -3.08 15.13 3.19
CA HIS A 648 -1.93 15.66 2.49
C HIS A 648 -2.48 16.25 1.18
N VAL A 649 -2.07 17.47 0.86
CA VAL A 649 -2.67 18.18 -0.29
C VAL A 649 -1.94 17.79 -1.57
N ILE A 650 -0.73 17.32 -1.44
CA ILE A 650 0.01 16.95 -2.68
C ILE A 650 -0.29 15.53 -3.12
N TYR A 651 -0.41 14.60 -2.12
CA TYR A 651 -0.54 13.17 -2.43
C TYR A 651 -1.72 12.53 -1.71
N ALA A 652 -2.60 11.86 -2.46
CA ALA A 652 -3.55 10.99 -1.81
C ALA A 652 -3.67 9.71 -2.63
N PRO A 653 -4.20 8.65 -2.03
CA PRO A 653 -4.48 7.45 -2.84
C PRO A 653 -5.53 7.81 -3.88
N SER A 654 -5.35 7.28 -5.09
CA SER A 654 -6.34 7.56 -6.13
C SER A 654 -7.74 7.17 -5.71
N SER A 655 -8.71 8.04 -5.96
CA SER A 655 -10.13 7.73 -5.66
C SER A 655 -10.67 6.53 -6.50
N HIS A 656 -9.90 6.16 -7.53
CA HIS A 656 -10.25 5.02 -8.41
C HIS A 656 -9.45 3.79 -8.15
N ASN A 657 -8.42 3.91 -7.32
CA ASN A 657 -7.54 2.75 -7.11
C ASN A 657 -6.63 3.08 -5.94
N LYS A 658 -7.00 2.58 -4.76
CA LYS A 658 -6.25 2.86 -3.53
C LYS A 658 -4.78 2.53 -3.65
N TYR A 659 -4.40 1.58 -4.55
CA TYR A 659 -2.93 1.32 -4.61
C TYR A 659 -2.11 2.41 -5.24
N ALA A 660 -2.73 3.18 -6.13
CA ALA A 660 -2.02 4.20 -6.90
C ALA A 660 -2.03 5.55 -6.15
N GLY A 661 -0.94 6.28 -6.31
CA GLY A 661 -0.97 7.64 -5.73
C GLY A 661 -1.47 8.61 -6.80
N GLU A 662 -2.14 9.67 -6.34
CA GLU A 662 -2.52 10.78 -7.22
C GLU A 662 -1.89 12.06 -6.69
N SER A 663 -1.39 12.91 -7.60
CA SER A 663 -0.82 14.21 -7.20
C SER A 663 -1.88 15.28 -7.36
N PHE A 664 -1.81 16.33 -6.51
CA PHE A 664 -2.86 17.36 -6.43
C PHE A 664 -4.25 16.70 -6.51
N PRO A 665 -4.49 15.75 -5.60
CA PRO A 665 -5.72 14.97 -5.69
C PRO A 665 -6.98 15.78 -5.61
N GLY A 666 -6.97 16.87 -4.85
CA GLY A 666 -8.25 17.65 -4.72
C GLY A 666 -8.57 18.24 -6.07
N ILE A 667 -7.54 18.78 -6.76
CA ILE A 667 -7.85 19.35 -8.10
C ILE A 667 -8.15 18.21 -9.11
N TYR A 668 -7.40 17.12 -9.02
CA TYR A 668 -7.62 15.98 -9.91
C TYR A 668 -9.09 15.49 -9.84
N ASP A 669 -9.58 15.23 -8.62
CA ASP A 669 -10.94 14.70 -8.51
C ASP A 669 -11.97 15.77 -8.94
N ALA A 670 -11.69 17.06 -8.69
CA ALA A 670 -12.64 18.11 -9.16
C ALA A 670 -12.72 18.12 -10.70
N LEU A 671 -11.61 17.79 -11.38
CA LEU A 671 -11.61 17.77 -12.86
C LEU A 671 -12.10 16.46 -13.46
N PHE A 672 -12.07 15.39 -12.66
CA PHE A 672 -12.32 14.09 -13.23
C PHE A 672 -13.74 13.98 -13.80
N ASP A 673 -13.84 13.58 -15.06
CA ASP A 673 -15.17 13.39 -15.71
C ASP A 673 -16.03 14.65 -15.65
N ILE A 674 -15.41 15.82 -15.61
CA ILE A 674 -16.15 17.06 -15.36
C ILE A 674 -17.13 17.39 -16.50
N GLU A 675 -16.81 16.93 -17.72
CA GLU A 675 -17.68 17.20 -18.88
C GLU A 675 -19.02 16.50 -18.74
N SER A 676 -19.14 15.59 -17.76
CA SER A 676 -20.39 14.86 -17.52
CA SER A 676 -20.40 14.87 -17.52
C SER A 676 -21.23 15.50 -16.40
N LYS A 677 -20.71 16.52 -15.72
CA LYS A 677 -21.45 17.13 -14.62
C LYS A 677 -22.59 18.01 -15.12
N VAL A 678 -23.68 17.99 -14.37
CA VAL A 678 -24.93 18.59 -14.85
C VAL A 678 -24.89 20.11 -14.71
N ASP A 679 -24.14 20.58 -13.72
CA ASP A 679 -24.00 22.01 -13.42
C ASP A 679 -22.53 22.45 -13.55
N PRO A 680 -22.10 22.79 -14.78
CA PRO A 680 -20.69 23.13 -15.00
C PRO A 680 -20.20 24.33 -14.19
N SER A 681 -21.08 25.31 -13.94
CA SER A 681 -20.67 26.44 -13.12
C SER A 681 -20.22 26.00 -11.72
N LYS A 682 -21.02 25.12 -11.12
CA LYS A 682 -20.68 24.53 -9.83
C LYS A 682 -19.37 23.72 -9.89
N ALA A 683 -19.27 22.88 -10.92
CA ALA A 683 -18.14 21.98 -11.03
C ALA A 683 -16.84 22.76 -11.22
N TRP A 684 -16.87 23.77 -12.12
CA TRP A 684 -15.63 24.54 -12.34
C TRP A 684 -15.32 25.46 -11.16
N GLY A 685 -16.35 25.89 -10.44
CA GLY A 685 -16.17 26.63 -9.17
C GLY A 685 -15.38 25.76 -8.21
N GLU A 686 -15.70 24.48 -8.13
CA GLU A 686 -14.97 23.59 -7.21
C GLU A 686 -13.56 23.33 -7.72
N VAL A 687 -13.35 23.26 -9.04
CA VAL A 687 -11.96 23.22 -9.51
C VAL A 687 -11.18 24.45 -9.02
N LYS A 688 -11.77 25.65 -9.16
CA LYS A 688 -11.09 26.87 -8.72
C LYS A 688 -10.80 26.85 -7.20
N ARG A 689 -11.76 26.36 -6.42
CA ARG A 689 -11.56 26.22 -4.99
C ARG A 689 -10.37 25.32 -4.68
N GLN A 690 -10.25 24.22 -5.42
CA GLN A 690 -9.15 23.30 -5.16
C GLN A 690 -7.81 23.88 -5.63
N ILE A 691 -7.84 24.67 -6.71
CA ILE A 691 -6.60 25.36 -7.09
C ILE A 691 -6.13 26.33 -5.99
N TYR A 692 -7.07 27.08 -5.42
CA TYR A 692 -6.78 27.97 -4.29
C TYR A 692 -6.22 27.20 -3.10
N VAL A 693 -6.87 26.09 -2.73
CA VAL A 693 -6.33 25.32 -1.61
C VAL A 693 -4.92 24.81 -1.85
N ALA A 694 -4.67 24.33 -3.08
CA ALA A 694 -3.35 23.80 -3.39
C ALA A 694 -2.27 24.88 -3.43
N ALA A 695 -2.58 26.03 -4.09
CA ALA A 695 -1.61 27.12 -4.15
C ALA A 695 -1.29 27.65 -2.74
N PHE A 696 -2.34 27.77 -1.94
CA PHE A 696 -2.16 28.27 -0.58
C PHE A 696 -1.27 27.30 0.20
N THR A 697 -1.55 26.00 0.06
CA THR A 697 -0.78 25.02 0.87
C THR A 697 0.67 24.99 0.42
N VAL A 698 0.92 25.04 -0.92
CA VAL A 698 2.32 25.05 -1.38
C VAL A 698 3.07 26.28 -0.87
N GLN A 699 2.42 27.47 -0.95
CA GLN A 699 3.05 28.70 -0.45
C GLN A 699 3.28 28.61 1.08
N ALA A 700 2.32 28.04 1.81
CA ALA A 700 2.46 27.95 3.26
C ALA A 700 3.61 27.00 3.59
N ALA A 701 3.73 25.88 2.84
CA ALA A 701 4.85 24.96 3.08
C ALA A 701 6.16 25.68 2.74
N ALA A 702 6.21 26.41 1.61
CA ALA A 702 7.45 27.15 1.31
C ALA A 702 7.83 28.08 2.47
N GLU A 703 6.85 28.79 3.04
CA GLU A 703 7.15 29.77 4.08
C GLU A 703 7.67 29.14 5.34
N THR A 704 7.45 27.82 5.53
CA THR A 704 8.09 27.18 6.70
C THR A 704 9.61 27.08 6.56
N LEU A 705 10.11 27.24 5.33
CA LEU A 705 11.57 27.17 5.07
C LEU A 705 12.20 28.58 5.05
N SER A 706 11.38 29.65 5.06
CA SER A 706 11.93 31.03 5.17
C SER A 706 12.67 31.19 6.51
N GLU A 707 13.54 32.21 6.63
CA GLU A 707 14.08 32.53 7.94
C GLU A 707 12.94 32.74 8.93
N VAL A 708 13.14 32.26 10.15
CA VAL A 708 12.02 32.10 11.08
C VAL A 708 11.63 33.42 11.74
N ALA A 709 12.54 34.41 11.63
CA ALA A 709 12.29 35.73 12.25
C ALA A 709 13.41 36.63 11.79
C1 NAG B . 10.68 -19.95 15.91
C2 NAG B . 10.27 -21.34 16.35
C3 NAG B . 9.97 -21.37 17.85
C4 NAG B . 11.06 -20.73 18.69
C5 NAG B . 11.47 -19.39 18.08
C6 NAG B . 12.66 -18.79 18.80
C7 NAG B . 9.21 -22.56 14.58
C8 NAG B . 7.95 -22.89 13.86
N2 NAG B . 9.10 -21.73 15.61
O3 NAG B . 9.89 -22.72 18.22
O4 NAG B . 10.55 -20.47 19.99
O5 NAG B . 11.79 -19.56 16.71
O6 NAG B . 13.74 -19.69 18.68
O7 NAG B . 10.27 -23.03 14.18
C1 NAG B . 11.37 -21.12 20.99
C2 NAG B . 11.06 -20.47 22.33
C3 NAG B . 11.76 -21.20 23.49
C4 NAG B . 11.53 -22.72 23.43
C5 NAG B . 11.83 -23.24 22.01
C6 NAG B . 11.47 -24.72 21.85
C7 NAG B . 10.65 -17.97 22.14
C8 NAG B . 9.23 -18.21 21.81
N2 NAG B . 11.43 -19.05 22.35
O3 NAG B . 11.26 -20.67 24.70
O4 NAG B . 12.28 -23.39 24.45
O5 NAG B . 11.08 -22.51 21.04
O6 NAG B . 10.08 -24.83 22.03
O7 NAG B . 11.08 -16.79 22.20
C1 NAG C . -23.71 -28.04 -4.56
C2 NAG C . -24.16 -29.43 -5.00
C3 NAG C . -25.59 -29.66 -4.57
C4 NAG C . -25.82 -29.35 -3.08
C5 NAG C . -25.16 -28.00 -2.68
C6 NAG C . -25.21 -27.76 -1.17
C7 NAG C . -23.12 -30.16 -7.06
C8 NAG C . -23.11 -30.19 -8.56
N2 NAG C . -24.10 -29.51 -6.45
O3 NAG C . -25.88 -31.02 -4.81
O4 NAG C . -27.22 -29.32 -2.86
O5 NAG C . -23.82 -27.98 -3.14
O6 NAG C . -24.49 -28.78 -0.51
O7 NAG C . -22.23 -30.72 -6.45
C1 NAG C . -27.62 -30.14 -1.75
C2 NAG C . -28.99 -29.64 -1.32
C3 NAG C . -29.54 -30.49 -0.18
C4 NAG C . -29.51 -31.98 -0.55
C5 NAG C . -28.04 -32.34 -0.91
C6 NAG C . -27.86 -33.82 -1.24
C7 NAG C . -29.13 -27.25 -1.79
C8 NAG C . -29.02 -25.87 -1.24
N2 NAG C . -28.91 -28.25 -0.93
O3 NAG C . -30.87 -30.13 0.09
O4 NAG C . -30.05 -32.77 0.49
O5 NAG C . -27.62 -31.53 -2.02
O6 NAG C . -28.38 -34.08 -2.53
O7 NAG C . -29.43 -27.41 -2.99
C1 NAG D . 24.11 13.11 -1.32
C2 NAG D . 23.79 14.05 -0.16
C3 NAG D . 24.18 15.42 -0.65
C4 NAG D . 25.64 15.51 -1.14
C5 NAG D . 25.85 14.46 -2.22
C6 NAG D . 27.32 14.36 -2.69
C7 NAG D . 21.84 13.73 1.31
C8 NAG D . 22.80 13.39 2.38
N2 NAG D . 22.35 14.06 0.14
O3 NAG D . 23.92 16.36 0.40
O4 NAG D . 25.83 16.76 -1.74
O5 NAG D . 25.52 13.23 -1.57
O6 NAG D . 28.12 14.12 -1.53
O7 NAG D . 20.58 13.74 1.57
C1 NAG D . 26.98 17.42 -1.18
C2 NAG D . 27.17 18.65 -2.07
C3 NAG D . 28.37 19.45 -1.56
C4 NAG D . 28.17 19.76 -0.08
C5 NAG D . 27.98 18.44 0.70
C6 NAG D . 27.83 18.64 2.19
C7 NAG D . 26.47 18.32 -4.41
C8 NAG D . 25.10 18.84 -4.15
N2 NAG D . 27.37 18.22 -3.45
O3 NAG D . 28.49 20.62 -2.34
O4 NAG D . 29.28 20.49 0.45
O5 NAG D . 26.80 17.84 0.15
O6 NAG D . 26.85 19.65 2.34
O7 NAG D . 26.76 17.93 -5.55
C1 NAG E . 4.92 34.38 -4.40
C2 NAG E . 3.51 34.55 -3.84
C3 NAG E . 3.08 35.99 -4.18
C4 NAG E . 4.09 37.01 -3.63
C5 NAG E . 5.52 36.65 -4.03
C6 NAG E . 6.49 37.53 -3.21
C7 NAG E . 1.63 32.98 -3.69
C8 NAG E . 0.75 32.00 -4.41
N2 NAG E . 2.61 33.59 -4.42
O3 NAG E . 1.79 36.20 -3.66
O4 NAG E . 3.87 38.29 -4.20
O5 NAG E . 5.76 35.29 -3.69
O6 NAG E . 7.73 37.66 -3.88
O7 NAG E . 1.49 33.23 -2.49
C1 NAG E . 2.81 38.97 -3.52
C2 NAG E . 3.19 40.41 -3.18
C3 NAG E . 1.97 41.21 -2.78
C4 NAG E . 0.87 41.08 -3.84
C5 NAG E . 0.58 39.59 -4.03
C6 NAG E . -0.50 39.36 -5.10
C7 NAG E . 5.43 40.81 -2.30
C8 NAG E . 5.85 41.17 -3.70
N2 NAG E . 4.14 40.45 -2.09
O3 NAG E . 2.36 42.58 -2.70
O4 NAG E . -0.33 41.65 -3.38
O5 NAG E . 1.78 38.96 -4.45
O6 NAG E . -1.07 38.07 -4.93
O7 NAG E . 6.28 40.82 -1.39
C1 BMA E . -0.44 43.03 -3.70
C2 BMA E . -1.90 43.34 -4.06
C3 BMA E . -2.13 44.81 -4.29
C4 BMA E . -1.63 45.56 -3.04
C5 BMA E . -0.18 45.17 -2.73
C6 BMA E . 0.34 45.83 -1.47
O2 BMA E . -2.77 42.89 -2.99
O3 BMA E . -3.54 44.94 -4.42
O4 BMA E . -1.74 46.96 -3.25
O5 BMA E . -0.11 43.75 -2.53
O6 BMA E . 1.68 45.36 -1.23
C1 MAN E . -3.95 45.76 -5.54
C2 MAN E . -5.40 46.20 -5.29
C3 MAN E . -6.40 45.07 -5.51
C4 MAN E . -6.18 44.34 -6.83
C5 MAN E . -4.69 43.98 -6.99
C6 MAN E . -4.35 43.25 -8.30
O2 MAN E . -5.70 47.20 -6.22
O3 MAN E . -7.71 45.57 -5.55
O4 MAN E . -6.96 43.16 -6.84
O5 MAN E . -3.87 45.12 -6.82
O6 MAN E . -4.53 44.12 -9.41
ZN ZN F . -1.37 -8.48 1.85
ZN ZN G . 1.26 -7.22 3.40
CA CA H . -9.88 4.03 15.45
CL CL I . 6.62 -2.22 1.68
C1 NAG J . -22.31 -20.49 11.64
C2 NAG J . -23.03 -19.61 12.63
C3 NAG J . -23.89 -20.43 13.60
C4 NAG J . -24.67 -21.55 12.90
C5 NAG J . -23.72 -22.32 11.98
C6 NAG J . -24.30 -23.59 11.32
C7 NAG J . -21.93 -17.57 13.31
C8 NAG J . -20.82 -16.95 14.08
N2 NAG J . -22.00 -18.90 13.34
O3 NAG J . -24.75 -19.50 14.20
O4 NAG J . -25.29 -22.42 13.85
O5 NAG J . -23.19 -21.41 11.01
O6 NAG J . -25.35 -23.37 10.38
O7 NAG J . -22.75 -16.88 12.68
C1 NAG K . -31.59 -0.11 -14.51
C2 NAG K . -32.24 1.23 -14.76
C3 NAG K . -32.83 1.68 -13.43
C4 NAG K . -33.98 0.75 -13.07
C5 NAG K . -33.56 -0.72 -13.07
C6 NAG K . -34.84 -1.52 -13.36
C7 NAG K . -31.11 2.48 -16.59
C8 NAG K . -31.84 1.71 -17.67
N2 NAG K . -31.33 2.22 -15.29
O3 NAG K . -33.28 3.00 -13.54
O4 NAG K . -34.51 1.10 -11.82
O5 NAG K . -32.57 -1.05 -14.06
O6 NAG K . -34.80 -2.82 -12.80
O7 NAG K . -30.30 3.34 -16.94
C1 NAG L . 14.48 -15.05 -11.33
C2 NAG L . 13.02 -15.14 -11.81
C3 NAG L . 12.92 -15.97 -13.11
C4 NAG L . 13.86 -15.44 -14.20
C5 NAG L . 15.28 -15.31 -13.62
C6 NAG L . 16.23 -14.69 -14.66
C7 NAG L . 11.05 -14.95 -10.42
C8 NAG L . 10.13 -15.51 -9.39
N2 NAG L . 12.14 -15.65 -10.77
O3 NAG L . 11.62 -15.89 -13.63
O4 NAG L . 13.82 -16.24 -15.41
O5 NAG L . 15.27 -14.53 -12.41
O6 NAG L . 15.67 -13.52 -15.23
O7 NAG L . 10.75 -13.89 -10.95
OAA CI9 M . -5.54 -0.79 2.39
CBN CI9 M . -5.68 -2.01 2.64
OAG CI9 M . -6.67 -2.49 3.26
CAZ CI9 M . -4.64 -2.97 1.97
CBB CI9 M . -4.59 -4.36 2.63
CBW CI9 M . -3.71 -5.32 1.79
CBP CI9 M . -4.49 -5.54 0.46
OAI CI9 M . -5.40 -6.41 0.45
OAC CI9 M . -4.20 -4.87 -0.57
NBI CI9 M . -2.41 -4.72 1.43
CBQ CI9 M . -1.63 -5.36 0.52
OAD CI9 M . -1.89 -6.53 0.25
N CI9 M . -0.61 -4.65 -0.03
CA CI9 M . 0.32 -5.28 -0.96
C CI9 M . 1.62 -4.49 -0.93
OXT CI9 M . 1.54 -3.27 -0.66
O CI9 M . 2.66 -5.18 -1.04
CB CI9 M . -0.42 -4.95 -2.25
CAP CI9 M . 0.18 -5.55 -3.52
CAQ CI9 M . -0.84 -5.14 -4.63
CBC CI9 M . -0.55 -5.83 -5.92
NBX CI9 M . -1.47 -5.28 -6.96
CAO CI9 M . -1.42 -4.06 -7.49
NBF CI9 M . -2.42 -5.94 -7.44
NBE CI9 M . -3.05 -5.28 -8.27
CBR CI9 M . -2.45 -4.09 -8.34
CBD CI9 M . -2.85 -3.04 -9.16
OBM CI9 M . -1.95 -1.95 -9.35
CAY CI9 M . -2.55 -0.74 -8.90
CAX CI9 M . -1.70 0.41 -9.37
OBL CI9 M . -0.42 0.30 -8.73
CAW CI9 M . 0.03 1.60 -8.34
CAV CI9 M . 1.35 1.80 -9.00
OBK CI9 M . 1.19 2.59 -10.22
CAU CI9 M . 2.44 2.60 -10.96
CAT CI9 M . 3.65 2.99 -10.07
OBJ CI9 M . 4.82 2.20 -10.37
CAS CI9 M . 5.47 1.74 -9.18
CAR CI9 M . 6.52 0.78 -9.73
NBG CI9 M . 7.37 1.45 -10.73
CBT CI9 M . 7.55 1.13 -12.02
CAM CI9 M . 6.74 1.76 -12.98
CAL CI9 M . 6.92 1.49 -14.34
CBS CI9 M . 7.90 0.60 -14.75
NBY CI9 M . 8.09 0.31 -16.05
OAJ CI9 M . 7.01 -0.15 -16.89
OAE CI9 M . 9.41 0.39 -16.63
CAN CI9 M . 8.72 -0.02 -13.79
CBU CI9 M . 8.57 0.24 -12.44
NBZ CI9 M . 9.39 -0.42 -11.58
OAK CI9 M . 9.18 -0.44 -10.20
OAF CI9 M . 10.48 -1.16 -12.07
#